data_6FY3
#
_entry.id   6FY3
#
_cell.length_a   208.360
_cell.length_b   43.808
_cell.length_c   119.910
_cell.angle_alpha   90.00
_cell.angle_beta   93.77
_cell.angle_gamma   90.00
#
_symmetry.space_group_name_H-M   'C 1 2 1'
#
loop_
_entity.id
_entity.type
_entity.pdbx_description
1 polymer 'CAP228-3D Heavy Chain'
2 polymer 'CAP228-3D Light Chain'
3 polymer 'CAP45 V2 peptide'
4 water water
#
loop_
_entity_poly.entity_id
_entity_poly.type
_entity_poly.pdbx_seq_one_letter_code
_entity_poly.pdbx_strand_id
1 'polypeptide(L)'
;EVQLVQSGAEVKKPGESLKISCKGFGYSFSTYWIAWVRQMPGKGLEWMGMIYPGDSDTKYSPSLQGQVTISGDKSISTAY
LQWSSLKASDTAMYYCARLLNNYDSSGFLYWYLDLWGRGTLVTVSSASTKGPSVFPLAPSSKSTSGGTAALGCLVKDYFP
EPVTVSWNSGALTSGVHTFPAVLQSSGLYSLSSVVTVPSSSLGTQTYICNVNHKPSNTKVDKKVEPKSCDKGLEVLFQ
;
X,H
2 'polypeptide(L)'
;NFMLTQPHSVSESPGKTVTISCTRSSGSIASDYVQWYQQRPGSSPTTVIYEDNQRPSGVPDRFSGSIDSSSNSASLTISG
LKTEDEADYYCQSYDMTNHNWVFGGGTKLTVLGQPKAAPSVTLFPPSSEELQANKATLVCLISDFYPGAVTVAWKADSSP
VKAGVETTTPSKQSNNKYAASSYLSLTPEQWKSHRSYSCQVTHEGSTVEKTVAPTECS
;
Y,L
3 'polypeptide(L)' ELRDKKQKAYALFYRPDVV Z,P
#
# COMPACT_ATOMS: atom_id res chain seq x y z
N GLU A 1 -28.43 -43.10 1.82
CA GLU A 1 -28.26 -44.35 2.62
C GLU A 1 -26.85 -44.42 3.21
N VAL A 2 -25.84 -44.19 2.37
CA VAL A 2 -24.47 -44.20 2.85
C VAL A 2 -24.31 -43.14 3.93
N GLN A 3 -23.54 -43.47 4.97
CA GLN A 3 -23.41 -42.57 6.10
C GLN A 3 -22.11 -42.85 6.83
N LEU A 4 -21.63 -41.83 7.54
CA LEU A 4 -20.53 -41.96 8.48
C LEU A 4 -21.06 -41.58 9.87
N VAL A 5 -20.92 -42.48 10.83
CA VAL A 5 -21.40 -42.28 12.18
C VAL A 5 -20.17 -42.12 13.07
N GLN A 6 -20.11 -41.00 13.78
CA GLN A 6 -19.00 -40.72 14.70
C GLN A 6 -19.47 -40.84 16.14
N SER A 7 -18.55 -41.26 17.00
CA SER A 7 -18.88 -41.42 18.41
C SER A 7 -19.32 -40.09 19.02
N GLY A 8 -20.14 -40.18 20.06
CA GLY A 8 -20.70 -39.00 20.68
C GLY A 8 -19.64 -38.11 21.29
N ALA A 9 -20.09 -36.94 21.74
CA ALA A 9 -19.19 -35.95 22.32
C ALA A 9 -18.45 -36.54 23.52
N GLU A 10 -17.24 -36.03 23.75
CA GLU A 10 -16.38 -36.46 24.84
C GLU A 10 -15.92 -35.23 25.61
N VAL A 11 -16.05 -35.28 26.93
CA VAL A 11 -15.56 -34.23 27.82
C VAL A 11 -14.57 -34.90 28.76
N LYS A 12 -13.28 -34.71 28.50
CA LYS A 12 -12.22 -35.36 29.26
C LYS A 12 -11.30 -34.29 29.85
N LYS A 13 -10.23 -34.75 30.49
CA LYS A 13 -9.29 -33.88 31.19
C LYS A 13 -7.88 -34.18 30.70
N PRO A 14 -6.94 -33.26 30.94
CA PRO A 14 -5.58 -33.47 30.45
C PRO A 14 -4.96 -34.74 31.03
N GLY A 15 -4.20 -35.45 30.19
CA GLY A 15 -3.56 -36.68 30.58
C GLY A 15 -4.37 -37.92 30.36
N GLU A 16 -5.66 -37.80 30.04
CA GLU A 16 -6.49 -38.94 29.75
C GLU A 16 -6.34 -39.37 28.30
N SER A 17 -6.23 -40.67 28.08
CA SER A 17 -6.28 -41.21 26.73
C SER A 17 -7.67 -41.02 26.15
N LEU A 18 -7.78 -41.21 24.84
CA LEU A 18 -9.07 -41.08 24.18
C LEU A 18 -9.01 -41.81 22.84
N LYS A 19 -10.15 -42.32 22.41
CA LYS A 19 -10.23 -43.04 21.14
C LYS A 19 -11.61 -42.82 20.56
N ILE A 20 -11.69 -42.04 19.48
CA ILE A 20 -12.96 -41.74 18.84
C ILE A 20 -13.04 -42.53 17.54
N SER A 21 -14.27 -42.86 17.14
CA SER A 21 -14.49 -43.79 16.04
C SER A 21 -15.33 -43.14 14.95
N CYS A 22 -15.30 -43.78 13.78
CA CYS A 22 -16.02 -43.31 12.61
C CYS A 22 -16.36 -44.53 11.78
N LYS A 23 -17.63 -44.93 11.79
CA LYS A 23 -18.07 -46.15 11.13
C LYS A 23 -18.85 -45.80 9.87
N GLY A 24 -18.55 -46.51 8.78
CA GLY A 24 -19.21 -46.29 7.51
C GLY A 24 -20.31 -47.32 7.31
N PHE A 25 -21.48 -46.82 6.91
CA PHE A 25 -22.65 -47.66 6.62
C PHE A 25 -23.06 -47.47 5.18
N GLY A 26 -23.36 -48.58 4.51
CA GLY A 26 -23.95 -48.54 3.19
C GLY A 26 -22.97 -48.57 2.03
N TYR A 27 -21.70 -48.90 2.26
CA TYR A 27 -20.74 -48.95 1.17
C TYR A 27 -19.53 -49.77 1.61
N SER A 28 -18.66 -50.04 0.64
CA SER A 28 -17.45 -50.83 0.87
C SER A 28 -16.44 -49.96 1.61
N PHE A 29 -16.41 -50.08 2.93
CA PHE A 29 -15.55 -49.22 3.74
C PHE A 29 -14.08 -49.39 3.41
N SER A 30 -13.67 -50.60 3.02
CA SER A 30 -12.26 -50.92 2.88
C SER A 30 -11.62 -50.37 1.60
N THR A 31 -12.40 -49.77 0.69
CA THR A 31 -11.88 -49.34 -0.60
C THR A 31 -11.88 -47.83 -0.76
N TYR A 32 -12.05 -47.06 0.32
CA TYR A 32 -12.03 -45.61 0.24
C TYR A 32 -11.23 -45.05 1.40
N TRP A 33 -10.46 -44.01 1.13
CA TRP A 33 -9.73 -43.31 2.19
C TRP A 33 -10.71 -42.67 3.16
N ILE A 34 -10.33 -42.66 4.43
CA ILE A 34 -11.05 -41.93 5.47
C ILE A 34 -10.07 -40.90 6.03
N ALA A 35 -10.45 -39.64 5.96
CA ALA A 35 -9.61 -38.53 6.40
C ALA A 35 -10.19 -37.93 7.67
N TRP A 36 -9.30 -37.40 8.51
CA TRP A 36 -9.67 -36.76 9.76
C TRP A 36 -9.33 -35.27 9.69
N VAL A 37 -10.32 -34.43 9.97
CA VAL A 37 -10.16 -32.98 9.92
C VAL A 37 -10.48 -32.42 11.30
N ARG A 38 -9.56 -31.61 11.83
CA ARG A 38 -9.75 -30.97 13.13
C ARG A 38 -10.19 -29.53 12.91
N GLN A 39 -11.10 -29.06 13.77
CA GLN A 39 -11.51 -27.66 13.77
C GLN A 39 -11.61 -27.23 15.22
N MET A 40 -10.64 -26.45 15.67
CA MET A 40 -10.71 -25.87 17.00
C MET A 40 -11.79 -24.80 17.04
N PRO A 41 -12.41 -24.58 18.20
CA PRO A 41 -13.60 -23.71 18.24
C PRO A 41 -13.29 -22.31 17.71
N GLY A 42 -14.14 -21.85 16.80
CA GLY A 42 -13.98 -20.53 16.21
C GLY A 42 -12.84 -20.40 15.23
N LYS A 43 -12.25 -21.50 14.79
CA LYS A 43 -11.10 -21.43 13.90
C LYS A 43 -11.32 -22.29 12.66
N GLY A 44 -10.29 -22.43 11.83
CA GLY A 44 -10.43 -23.04 10.53
C GLY A 44 -10.12 -24.53 10.53
N LEU A 45 -10.30 -25.13 9.36
CA LEU A 45 -10.10 -26.56 9.20
C LEU A 45 -8.61 -26.92 9.19
N GLU A 46 -8.29 -28.07 9.75
CA GLU A 46 -6.94 -28.59 9.78
C GLU A 46 -6.96 -30.08 9.45
N TRP A 47 -6.17 -30.47 8.46
CA TRP A 47 -6.07 -31.87 8.08
C TRP A 47 -5.07 -32.58 9.00
N MET A 48 -5.50 -33.68 9.60
CA MET A 48 -4.65 -34.42 10.52
C MET A 48 -4.13 -35.73 9.96
N GLY A 49 -4.85 -36.33 9.02
CA GLY A 49 -4.32 -37.51 8.37
C GLY A 49 -5.40 -38.29 7.63
N MET A 50 -4.97 -39.41 7.09
CA MET A 50 -5.77 -40.29 6.26
C MET A 50 -5.44 -41.74 6.58
N ILE A 51 -6.43 -42.61 6.40
CA ILE A 51 -6.19 -44.05 6.45
C ILE A 51 -6.96 -44.72 5.31
N TYR A 52 -6.28 -45.56 4.56
CA TYR A 52 -6.93 -46.48 3.63
C TYR A 52 -7.19 -47.77 4.39
N PRO A 53 -8.45 -48.08 4.73
CA PRO A 53 -8.69 -49.23 5.62
C PRO A 53 -8.41 -50.57 4.98
N GLY A 54 -8.54 -50.69 3.65
CA GLY A 54 -8.27 -51.95 2.99
C GLY A 54 -6.93 -52.54 3.40
N ASP A 55 -5.90 -51.70 3.49
CA ASP A 55 -4.58 -52.11 3.95
C ASP A 55 -4.13 -51.31 5.17
N SER A 56 -5.01 -50.46 5.72
CA SER A 56 -4.66 -49.61 6.85
C SER A 56 -3.42 -48.76 6.54
N ASP A 57 -3.33 -48.28 5.30
CA ASP A 57 -2.20 -47.44 4.90
C ASP A 57 -2.46 -46.02 5.38
N THR A 58 -1.57 -45.48 6.19
CA THR A 58 -1.83 -44.24 6.91
C THR A 58 -0.91 -43.11 6.45
N LYS A 59 -1.47 -41.90 6.45
CA LYS A 59 -0.75 -40.67 6.20
C LYS A 59 -1.07 -39.70 7.32
N TYR A 60 -0.08 -38.89 7.71
CA TYR A 60 -0.23 -37.99 8.85
C TYR A 60 0.16 -36.57 8.47
N SER A 61 -0.37 -35.62 9.24
CA SER A 61 0.07 -34.24 9.13
C SER A 61 1.47 -34.11 9.73
N PRO A 62 2.34 -33.27 9.14
CA PRO A 62 3.69 -33.10 9.72
C PRO A 62 3.66 -32.55 11.14
N SER A 63 2.56 -31.95 11.58
CA SER A 63 2.52 -31.20 12.83
C SER A 63 1.91 -32.00 13.99
N LEU A 64 1.74 -33.31 13.84
CA LEU A 64 1.19 -34.12 14.92
C LEU A 64 2.26 -34.63 15.88
N GLN A 65 3.49 -34.81 15.39
CA GLN A 65 4.63 -35.20 16.22
C GLN A 65 4.28 -36.34 17.16
N GLY A 66 3.65 -37.37 16.61
CA GLY A 66 3.44 -38.63 17.31
C GLY A 66 2.39 -38.61 18.40
N GLN A 67 1.72 -37.48 18.64
CA GLN A 67 0.74 -37.44 19.72
C GLN A 67 -0.43 -38.37 19.47
N VAL A 68 -0.88 -38.46 18.20
CA VAL A 68 -2.11 -39.17 17.88
C VAL A 68 -1.81 -40.32 16.93
N THR A 69 -2.74 -41.27 16.89
CA THR A 69 -2.67 -42.44 16.04
C THR A 69 -3.95 -42.56 15.23
N ILE A 70 -3.82 -42.98 13.98
CA ILE A 70 -4.97 -43.20 13.10
C ILE A 70 -4.96 -44.66 12.71
N SER A 71 -6.04 -45.37 13.06
CA SER A 71 -6.10 -46.82 12.87
C SER A 71 -7.44 -47.20 12.25
N GLY A 72 -7.62 -48.49 12.00
CA GLY A 72 -8.83 -48.98 11.39
C GLY A 72 -9.08 -50.44 11.70
N ASP A 73 -10.36 -50.82 11.71
CA ASP A 73 -10.80 -52.20 11.81
C ASP A 73 -11.84 -52.38 10.72
N LYS A 74 -11.45 -53.01 9.62
CA LYS A 74 -12.34 -53.18 8.47
C LYS A 74 -13.31 -54.32 8.66
N SER A 75 -13.09 -55.20 9.63
CA SER A 75 -14.09 -56.22 9.95
C SER A 75 -15.38 -55.58 10.46
N ILE A 76 -15.28 -54.38 11.06
CA ILE A 76 -16.45 -53.63 11.49
C ILE A 76 -16.53 -52.27 10.79
N SER A 77 -15.75 -52.08 9.72
CA SER A 77 -15.85 -50.88 8.87
C SER A 77 -15.73 -49.61 9.68
N THR A 78 -14.70 -49.56 10.54
CA THR A 78 -14.53 -48.43 11.45
C THR A 78 -13.11 -47.89 11.37
N ALA A 79 -13.00 -46.56 11.44
CA ALA A 79 -11.73 -45.87 11.56
C ALA A 79 -11.65 -45.24 12.94
N TYR A 80 -10.43 -45.03 13.41
CA TYR A 80 -10.20 -44.60 14.79
C TYR A 80 -9.14 -43.51 14.83
N LEU A 81 -9.39 -42.51 15.66
CA LEU A 81 -8.42 -41.48 15.99
C LEU A 81 -8.17 -41.54 17.49
N GLN A 82 -6.90 -41.63 17.86
CA GLN A 82 -6.51 -42.02 19.21
C GLN A 82 -5.48 -41.07 19.78
N TRP A 83 -5.68 -40.68 21.03
CA TRP A 83 -4.76 -39.86 21.80
C TRP A 83 -4.24 -40.66 22.98
N SER A 84 -2.92 -40.71 23.13
CA SER A 84 -2.33 -41.35 24.31
C SER A 84 -2.41 -40.43 25.53
N SER A 85 -2.25 -39.13 25.33
CA SER A 85 -2.31 -38.16 26.43
C SER A 85 -2.91 -36.87 25.88
N LEU A 86 -4.13 -36.55 26.29
CA LEU A 86 -4.83 -35.37 25.81
C LEU A 86 -4.25 -34.10 26.43
N LYS A 87 -4.32 -33.02 25.67
CA LYS A 87 -3.91 -31.70 26.13
C LYS A 87 -5.05 -30.72 25.89
N ALA A 88 -5.02 -29.61 26.62
CA ALA A 88 -6.06 -28.59 26.45
C ALA A 88 -6.15 -28.13 25.01
N SER A 89 -5.02 -28.08 24.29
CA SER A 89 -5.02 -27.62 22.91
C SER A 89 -5.84 -28.54 22.02
N ASP A 90 -5.96 -29.82 22.37
CA ASP A 90 -6.69 -30.77 21.55
C ASP A 90 -8.20 -30.54 21.56
N THR A 91 -8.69 -29.58 22.34
CA THR A 91 -10.11 -29.26 22.32
C THR A 91 -10.54 -28.83 20.93
N ALA A 92 -11.48 -29.56 20.33
CA ALA A 92 -11.90 -29.24 18.98
C ALA A 92 -13.02 -30.19 18.54
N MET A 93 -13.64 -29.84 17.42
CA MET A 93 -14.50 -30.75 16.70
C MET A 93 -13.64 -31.57 15.74
N TYR A 94 -13.96 -32.84 15.59
CA TYR A 94 -13.17 -33.75 14.76
C TYR A 94 -14.11 -34.46 13.79
N TYR A 95 -13.96 -34.16 12.51
CA TYR A 95 -14.77 -34.77 11.47
C TYR A 95 -13.98 -35.89 10.80
N CYS A 96 -14.68 -36.95 10.41
CA CYS A 96 -14.15 -37.91 9.47
C CYS A 96 -14.90 -37.73 8.14
N ALA A 97 -14.20 -38.01 7.05
CA ALA A 97 -14.79 -37.84 5.74
C ALA A 97 -14.28 -38.93 4.81
N ARG A 98 -15.16 -39.35 3.91
CA ARG A 98 -14.79 -40.34 2.90
C ARG A 98 -14.26 -39.64 1.66
N LEU A 99 -13.11 -40.10 1.18
CA LEU A 99 -12.58 -39.66 -0.12
C LEU A 99 -13.23 -40.52 -1.19
N LEU A 100 -14.26 -39.99 -1.84
CA LEU A 100 -14.88 -40.66 -2.96
C LEU A 100 -13.95 -40.63 -4.17
N ASN A 101 -14.08 -41.63 -5.03
CA ASN A 101 -13.36 -41.65 -6.29
C ASN A 101 -14.23 -42.24 -7.38
N ASN A 102 -14.56 -41.43 -8.38
CA ASN A 102 -15.29 -41.86 -9.57
C ASN A 102 -14.43 -41.59 -10.79
N TYR A 103 -14.99 -41.87 -11.96
CA TYR A 103 -14.36 -41.57 -13.24
C TYR A 103 -15.00 -40.33 -13.83
N ASP A 104 -14.15 -39.45 -14.38
CA ASP A 104 -14.63 -38.23 -15.02
C ASP A 104 -14.90 -38.50 -16.50
N SER A 105 -15.33 -37.48 -17.22
CA SER A 105 -15.62 -37.61 -18.64
C SER A 105 -14.37 -37.93 -19.46
N SER A 106 -13.18 -37.80 -18.87
CA SER A 106 -11.93 -38.12 -19.56
C SER A 106 -11.51 -39.58 -19.40
N GLY A 107 -12.16 -40.33 -18.50
CA GLY A 107 -11.76 -41.68 -18.22
C GLY A 107 -10.79 -41.84 -17.08
N PHE A 108 -10.33 -40.74 -16.49
CA PHE A 108 -9.42 -40.79 -15.35
C PHE A 108 -10.22 -40.69 -14.06
N LEU A 109 -9.55 -41.05 -12.96
CA LEU A 109 -10.15 -40.99 -11.64
C LEU A 109 -9.94 -39.62 -11.02
N TYR A 110 -10.90 -39.21 -10.18
CA TYR A 110 -10.78 -38.01 -9.38
C TYR A 110 -11.20 -38.32 -7.96
N TRP A 111 -10.67 -37.55 -7.00
CA TRP A 111 -10.91 -37.77 -5.59
C TRP A 111 -11.41 -36.49 -4.95
N TYR A 112 -12.38 -36.61 -4.04
CA TYR A 112 -12.78 -35.50 -3.19
C TYR A 112 -13.64 -36.04 -2.06
N LEU A 113 -13.76 -35.23 -1.00
CA LEU A 113 -14.49 -35.61 0.20
C LEU A 113 -15.98 -35.35 -0.02
N ASP A 114 -16.73 -36.41 -0.31
CA ASP A 114 -18.16 -36.29 -0.58
C ASP A 114 -19.04 -36.51 0.64
N LEU A 115 -18.55 -37.26 1.63
CA LEU A 115 -19.38 -37.74 2.73
C LEU A 115 -18.70 -37.42 4.05
N TRP A 116 -19.43 -36.76 4.94
CA TRP A 116 -18.89 -36.29 6.21
C TRP A 116 -19.71 -36.82 7.38
N GLY A 117 -19.02 -37.07 8.48
CA GLY A 117 -19.70 -37.31 9.74
C GLY A 117 -20.15 -36.00 10.36
N ARG A 118 -21.02 -36.11 11.38
CA ARG A 118 -21.47 -34.93 12.09
C ARG A 118 -20.40 -34.37 13.02
N GLY A 119 -19.25 -35.05 13.15
CA GLY A 119 -18.18 -34.56 13.98
C GLY A 119 -18.30 -34.95 15.44
N THR A 120 -17.16 -35.31 16.03
CA THR A 120 -17.08 -35.60 17.46
C THR A 120 -16.49 -34.39 18.16
N LEU A 121 -17.26 -33.81 19.08
CA LEU A 121 -16.77 -32.68 19.86
C LEU A 121 -15.97 -33.21 21.05
N VAL A 122 -14.71 -32.79 21.15
CA VAL A 122 -13.83 -33.21 22.24
C VAL A 122 -13.47 -31.96 23.02
N THR A 123 -13.98 -31.88 24.25
CA THR A 123 -13.60 -30.84 25.20
C THR A 123 -12.58 -31.42 26.16
N VAL A 124 -11.49 -30.69 26.38
CA VAL A 124 -10.44 -31.11 27.29
C VAL A 124 -10.16 -29.93 28.21
N SER A 125 -10.77 -29.94 29.40
CA SER A 125 -10.65 -28.84 30.34
C SER A 125 -10.39 -29.40 31.74
N SER A 126 -9.61 -28.65 32.50
CA SER A 126 -9.40 -28.94 33.92
C SER A 126 -10.37 -28.20 34.82
N ALA A 127 -11.27 -27.40 34.25
CA ALA A 127 -12.14 -26.55 35.02
C ALA A 127 -13.11 -27.37 35.86
N SER A 128 -13.15 -27.10 37.16
CA SER A 128 -14.14 -27.67 38.06
C SER A 128 -15.25 -26.64 38.28
N THR A 129 -16.32 -27.08 38.93
CA THR A 129 -17.43 -26.19 39.23
C THR A 129 -16.96 -25.08 40.16
N LYS A 130 -17.05 -23.84 39.68
CA LYS A 130 -16.61 -22.68 40.44
C LYS A 130 -17.58 -21.53 40.24
N GLY A 131 -17.71 -20.70 41.26
CA GLY A 131 -18.57 -19.54 41.20
C GLY A 131 -17.86 -18.35 40.60
N PRO A 132 -18.62 -17.36 40.14
CA PRO A 132 -18.01 -16.17 39.54
C PRO A 132 -17.34 -15.30 40.58
N SER A 133 -16.66 -14.26 40.09
CA SER A 133 -15.98 -13.30 40.94
C SER A 133 -16.55 -11.90 40.72
N GLY A 152 -19.49 -0.77 34.03
CA GLY A 152 -20.28 -1.97 34.17
C GLY A 152 -19.60 -3.03 35.01
N CYS A 153 -20.19 -4.22 35.05
CA CYS A 153 -19.68 -5.32 35.84
C CYS A 153 -18.87 -6.29 34.97
N LEU A 154 -18.06 -7.10 35.65
CA LEU A 154 -17.13 -8.02 34.99
C LEU A 154 -17.20 -9.37 35.71
N VAL A 155 -18.08 -10.24 35.21
CA VAL A 155 -18.15 -11.61 35.73
C VAL A 155 -16.92 -12.37 35.25
N LYS A 156 -16.22 -13.03 36.18
CA LYS A 156 -14.91 -13.58 35.90
C LYS A 156 -14.79 -14.99 36.43
N ASP A 157 -14.38 -15.92 35.56
CA ASP A 157 -14.04 -17.28 35.95
C ASP A 157 -15.19 -17.98 36.65
N TYR A 158 -16.19 -18.43 35.89
CA TYR A 158 -17.30 -19.18 36.42
C TYR A 158 -17.54 -20.40 35.54
N PHE A 159 -17.38 -21.59 36.10
CA PHE A 159 -17.71 -22.82 35.43
C PHE A 159 -18.68 -23.61 36.30
N PRO A 160 -19.79 -24.15 35.75
CA PRO A 160 -20.24 -24.11 34.36
C PRO A 160 -21.24 -23.00 34.06
N GLU A 161 -21.16 -22.46 32.85
CA GLU A 161 -22.13 -21.50 32.37
C GLU A 161 -23.54 -22.10 32.47
N PRO A 162 -24.58 -21.28 32.70
CA PRO A 162 -24.64 -19.82 32.89
C PRO A 162 -24.67 -19.41 34.36
N PHE A 179 -23.35 -9.44 27.36
CA PHE A 179 -22.49 -9.96 26.31
C PHE A 179 -22.22 -11.45 26.51
N PRO A 180 -22.10 -12.20 25.42
CA PRO A 180 -21.70 -13.61 25.54
C PRO A 180 -20.35 -13.72 26.23
N ALA A 181 -20.13 -14.87 26.87
CA ALA A 181 -18.92 -15.11 27.65
C ALA A 181 -17.80 -15.66 26.78
N VAL A 182 -16.57 -15.29 27.14
CA VAL A 182 -15.38 -15.87 26.52
C VAL A 182 -14.96 -17.09 27.32
N LEU A 183 -14.70 -18.19 26.63
CA LEU A 183 -14.16 -19.40 27.25
C LEU A 183 -12.64 -19.25 27.24
N GLN A 184 -12.10 -18.72 28.32
CA GLN A 184 -10.68 -18.39 28.38
C GLN A 184 -9.82 -19.65 28.26
N SER A 185 -8.52 -19.43 28.14
CA SER A 185 -7.58 -20.54 28.04
C SER A 185 -7.62 -21.41 29.30
N SER A 186 -7.97 -20.81 30.44
CA SER A 186 -8.08 -21.55 31.70
C SER A 186 -9.32 -22.42 31.76
N GLY A 187 -10.09 -22.54 30.69
CA GLY A 187 -11.30 -23.34 30.70
C GLY A 187 -12.49 -22.71 31.39
N LEU A 188 -12.32 -21.51 31.97
CA LEU A 188 -13.38 -20.84 32.70
C LEU A 188 -13.98 -19.73 31.85
N TYR A 189 -15.24 -19.43 32.13
CA TYR A 189 -15.99 -18.42 31.37
C TYR A 189 -15.87 -17.05 32.02
N SER A 190 -15.98 -16.01 31.20
CA SER A 190 -15.98 -14.63 31.66
C SER A 190 -16.79 -13.80 30.68
N LEU A 191 -17.63 -12.92 31.21
CA LEU A 191 -18.46 -12.06 30.38
C LEU A 191 -18.54 -10.68 31.01
N SER A 192 -19.29 -9.79 30.35
CA SER A 192 -19.49 -8.44 30.85
C SER A 192 -20.90 -7.99 30.50
N SER A 193 -21.55 -7.33 31.43
CA SER A 193 -22.90 -6.80 31.24
C SER A 193 -22.86 -5.28 31.35
N VAL A 194 -23.49 -4.62 30.39
CA VAL A 194 -23.48 -3.16 30.35
C VAL A 194 -24.90 -2.62 30.30
N CYS A 209 -25.38 -4.35 39.74
CA CYS A 209 -25.62 -5.50 38.89
C CYS A 209 -25.82 -6.75 39.75
N ASN A 210 -26.84 -7.54 39.41
CA ASN A 210 -27.19 -8.73 40.16
C ASN A 210 -26.87 -9.95 39.32
N VAL A 211 -25.91 -10.77 39.77
CA VAL A 211 -25.46 -11.96 39.06
C VAL A 211 -25.84 -13.18 39.88
N ASN A 212 -26.27 -14.23 39.18
CA ASN A 212 -26.72 -15.46 39.81
C ASN A 212 -26.14 -16.65 39.06
N HIS A 213 -25.49 -17.55 39.81
CA HIS A 213 -24.89 -18.75 39.24
C HIS A 213 -25.38 -19.94 40.07
N LYS A 214 -26.43 -20.59 39.59
CA LYS A 214 -27.09 -21.68 40.31
C LYS A 214 -26.22 -22.92 40.39
N PRO A 215 -25.48 -23.28 39.33
CA PRO A 215 -24.62 -24.47 39.44
C PRO A 215 -23.73 -24.46 40.67
N SER A 216 -23.24 -23.29 41.07
CA SER A 216 -22.44 -23.16 42.29
C SER A 216 -23.23 -22.52 43.44
N ASN A 217 -24.45 -22.07 43.20
CA ASN A 217 -25.28 -21.45 44.22
C ASN A 217 -24.61 -20.18 44.76
N THR A 218 -24.37 -19.24 43.85
CA THR A 218 -23.67 -17.99 44.17
C THR A 218 -24.48 -16.83 43.62
N LYS A 219 -25.04 -16.01 44.51
CA LYS A 219 -25.79 -14.82 44.13
C LYS A 219 -25.06 -13.60 44.67
N VAL A 220 -24.62 -12.72 43.77
CA VAL A 220 -23.81 -11.57 44.14
C VAL A 220 -24.40 -10.31 43.54
N ASP A 221 -24.63 -9.31 44.38
CA ASP A 221 -25.14 -8.01 43.96
C ASP A 221 -24.04 -6.97 44.16
N LYS A 222 -23.50 -6.46 43.06
CA LYS A 222 -22.39 -5.52 43.11
C LYS A 222 -22.88 -4.10 42.88
N LYS A 223 -22.20 -3.15 43.52
CA LYS A 223 -22.56 -1.74 43.50
C LYS A 223 -21.47 -0.99 42.75
N VAL A 224 -21.81 -0.47 41.57
CA VAL A 224 -20.85 0.21 40.70
C VAL A 224 -21.03 1.71 40.86
N GLU A 225 -19.94 2.41 41.16
CA GLU A 225 -19.92 3.86 41.27
C GLU A 225 -18.53 4.34 40.90
N PRO A 226 -18.39 5.57 40.37
CA PRO A 226 -17.07 6.08 39.99
C PRO A 226 -16.07 6.04 41.13
N ASN B 1 6.55 -26.95 0.73
CA ASN B 1 5.65 -26.42 1.79
C ASN B 1 5.23 -24.98 1.47
N PHE B 2 3.94 -24.72 1.63
CA PHE B 2 3.37 -23.43 1.27
C PHE B 2 2.19 -23.14 2.18
N MET B 3 1.71 -21.89 2.09
CA MET B 3 0.51 -21.47 2.79
C MET B 3 -0.52 -20.99 1.78
N LEU B 4 -1.78 -20.98 2.20
CA LEU B 4 -2.88 -20.44 1.41
C LEU B 4 -3.56 -19.35 2.23
N THR B 5 -3.42 -18.11 1.78
CA THR B 5 -4.01 -16.97 2.47
C THR B 5 -5.34 -16.60 1.82
N GLN B 6 -6.31 -16.30 2.67
CA GLN B 6 -7.70 -16.04 2.32
C GLN B 6 -8.14 -14.80 3.07
N PRO B 7 -8.96 -13.94 2.47
CA PRO B 7 -9.52 -12.83 3.24
C PRO B 7 -10.40 -13.35 4.36
N HIS B 8 -10.40 -12.62 5.48
CA HIS B 8 -11.22 -13.05 6.62
C HIS B 8 -12.70 -12.94 6.32
N SER B 9 -13.13 -11.88 5.65
CA SER B 9 -14.55 -11.62 5.47
C SER B 9 -14.80 -11.01 4.09
N VAL B 10 -15.96 -11.34 3.53
CA VAL B 10 -16.49 -10.72 2.33
C VAL B 10 -18.00 -10.63 2.49
N SER B 11 -18.59 -9.64 1.82
CA SER B 11 -20.03 -9.42 1.94
C SER B 11 -20.56 -8.86 0.62
N GLU B 12 -21.85 -9.09 0.39
CA GLU B 12 -22.51 -8.61 -0.81
C GLU B 12 -24.01 -8.80 -0.65
N SER B 13 -24.78 -8.01 -1.38
CA SER B 13 -26.22 -8.05 -1.32
C SER B 13 -26.75 -9.24 -2.12
N PRO B 14 -27.96 -9.70 -1.82
CA PRO B 14 -28.53 -10.84 -2.57
C PRO B 14 -28.65 -10.53 -4.05
N GLY B 15 -28.47 -11.57 -4.87
CA GLY B 15 -28.63 -11.51 -6.29
C GLY B 15 -27.37 -11.21 -7.08
N LYS B 16 -26.38 -10.55 -6.48
CA LYS B 16 -25.15 -10.21 -7.18
C LYS B 16 -24.11 -11.30 -6.94
N THR B 17 -22.89 -11.06 -7.43
CA THR B 17 -21.84 -12.07 -7.45
C THR B 17 -20.71 -11.68 -6.51
N VAL B 18 -20.12 -12.67 -5.86
CA VAL B 18 -18.97 -12.48 -4.98
C VAL B 18 -17.86 -13.40 -5.44
N THR B 19 -16.63 -13.03 -5.10
CA THR B 19 -15.46 -13.85 -5.39
C THR B 19 -14.60 -13.92 -4.15
N ILE B 20 -14.15 -15.12 -3.83
CA ILE B 20 -13.26 -15.37 -2.70
C ILE B 20 -11.96 -15.89 -3.29
N SER B 21 -10.86 -15.21 -3.01
CA SER B 21 -9.57 -15.56 -3.58
C SER B 21 -8.66 -16.18 -2.51
N CYS B 22 -7.72 -16.99 -2.99
CA CYS B 22 -6.90 -17.87 -2.17
C CYS B 22 -5.51 -17.87 -2.77
N THR B 23 -4.58 -17.15 -2.15
CA THR B 23 -3.25 -16.99 -2.71
C THR B 23 -2.27 -17.96 -2.07
N ARG B 24 -1.48 -18.61 -2.91
CA ARG B 24 -0.48 -19.57 -2.46
C ARG B 24 0.87 -18.87 -2.27
N SER B 25 1.52 -19.15 -1.15
CA SER B 25 2.68 -18.35 -0.75
C SER B 25 3.91 -18.65 -1.61
N SER B 26 4.08 -19.91 -2.01
CA SER B 26 5.23 -20.30 -2.82
C SER B 26 4.79 -21.39 -3.79
N GLY B 27 5.57 -21.56 -4.85
CA GLY B 27 5.25 -22.54 -5.87
C GLY B 27 4.04 -22.08 -6.67
N SER B 28 3.76 -22.79 -7.77
CA SER B 28 2.66 -22.41 -8.64
C SER B 28 1.35 -22.98 -8.12
N ILE B 29 0.32 -22.12 -8.02
CA ILE B 29 -1.01 -22.58 -7.65
C ILE B 29 -1.53 -23.61 -8.63
N ALA B 30 -0.99 -23.63 -9.85
CA ALA B 30 -1.43 -24.56 -10.88
C ALA B 30 -0.69 -25.89 -10.86
N SER B 31 0.23 -26.10 -9.93
CA SER B 31 0.96 -27.36 -9.85
C SER B 31 0.22 -28.42 -9.03
N ASP B 32 -0.80 -28.03 -8.27
CA ASP B 32 -1.55 -28.96 -7.44
C ASP B 32 -3.02 -28.59 -7.49
N TYR B 33 -3.89 -29.60 -7.47
CA TYR B 33 -5.33 -29.38 -7.51
C TYR B 33 -5.77 -28.52 -6.33
N VAL B 34 -6.91 -27.83 -6.52
CA VAL B 34 -7.48 -26.96 -5.51
C VAL B 34 -8.93 -27.38 -5.27
N GLN B 35 -9.29 -27.54 -4.01
CA GLN B 35 -10.65 -27.82 -3.58
C GLN B 35 -11.19 -26.65 -2.77
N TRP B 36 -12.51 -26.47 -2.81
CA TRP B 36 -13.21 -25.49 -2.00
C TRP B 36 -14.34 -26.19 -1.24
N TYR B 37 -14.37 -25.97 0.08
CA TYR B 37 -15.38 -26.50 0.96
C TYR B 37 -16.25 -25.37 1.51
N GLN B 38 -17.52 -25.67 1.71
CA GLN B 38 -18.47 -24.77 2.35
C GLN B 38 -18.86 -25.34 3.71
N GLN B 39 -19.01 -24.47 4.70
CA GLN B 39 -19.42 -24.88 6.04
C GLN B 39 -20.41 -23.84 6.57
N ARG B 40 -21.69 -24.22 6.63
CA ARG B 40 -22.69 -23.39 7.26
C ARG B 40 -22.60 -23.51 8.78
N PRO B 41 -23.19 -22.56 9.51
CA PRO B 41 -23.14 -22.64 10.98
C PRO B 41 -23.69 -23.95 11.50
N GLY B 42 -22.97 -24.54 12.46
CA GLY B 42 -23.41 -25.75 13.12
C GLY B 42 -23.51 -26.97 12.25
N SER B 43 -22.88 -26.97 11.08
CA SER B 43 -22.95 -28.08 10.15
C SER B 43 -21.55 -28.54 9.78
N SER B 44 -21.46 -29.76 9.27
CA SER B 44 -20.18 -30.26 8.81
C SER B 44 -19.88 -29.70 7.43
N PRO B 45 -18.60 -29.59 7.06
CA PRO B 45 -18.26 -29.05 5.74
C PRO B 45 -18.74 -29.96 4.61
N THR B 46 -18.91 -29.33 3.44
CA THR B 46 -19.13 -30.06 2.20
C THR B 46 -18.25 -29.45 1.12
N THR B 47 -17.90 -30.27 0.13
CA THR B 47 -17.09 -29.81 -0.99
C THR B 47 -17.98 -29.14 -2.02
N VAL B 48 -17.65 -27.90 -2.37
CA VAL B 48 -18.39 -27.17 -3.40
C VAL B 48 -17.59 -27.18 -4.70
N ILE B 49 -16.26 -27.29 -4.61
CA ILE B 49 -15.42 -27.34 -5.79
C ILE B 49 -14.29 -28.34 -5.55
N TYR B 50 -13.93 -29.08 -6.58
CA TYR B 50 -12.77 -29.94 -6.51
C TYR B 50 -12.06 -29.92 -7.86
N GLU B 51 -10.77 -30.23 -7.84
CA GLU B 51 -9.93 -30.20 -9.04
C GLU B 51 -10.06 -28.86 -9.76
N ASP B 52 -9.89 -27.79 -8.99
CA ASP B 52 -9.88 -26.42 -9.49
C ASP B 52 -11.26 -25.90 -9.85
N ASN B 53 -12.01 -26.63 -10.67
CA ASN B 53 -13.23 -26.10 -11.24
C ASN B 53 -14.36 -27.12 -11.37
N GLN B 54 -14.21 -28.33 -10.86
CA GLN B 54 -15.25 -29.34 -10.96
C GLN B 54 -16.22 -29.21 -9.80
N ARG B 55 -17.50 -29.39 -10.08
CA ARG B 55 -18.53 -29.27 -9.06
C ARG B 55 -19.13 -30.64 -8.77
N PRO B 56 -19.19 -31.06 -7.51
CA PRO B 56 -19.90 -32.32 -7.20
C PRO B 56 -21.37 -32.19 -7.51
N SER B 57 -21.97 -33.33 -7.87
CA SER B 57 -23.41 -33.35 -8.15
C SER B 57 -24.19 -32.72 -7.00
N GLY B 58 -25.15 -31.88 -7.36
CA GLY B 58 -25.97 -31.17 -6.41
C GLY B 58 -25.52 -29.75 -6.14
N VAL B 59 -24.29 -29.40 -6.52
CA VAL B 59 -23.78 -28.03 -6.37
C VAL B 59 -24.13 -27.27 -7.64
N PRO B 60 -24.92 -26.20 -7.57
CA PRO B 60 -25.32 -25.48 -8.79
C PRO B 60 -24.11 -24.87 -9.50
N ASP B 61 -24.34 -24.45 -10.74
CA ASP B 61 -23.29 -23.83 -11.53
C ASP B 61 -23.00 -22.40 -11.13
N ARG B 62 -23.87 -21.77 -10.32
CA ARG B 62 -23.56 -20.44 -9.82
C ARG B 62 -22.28 -20.44 -8.98
N PHE B 63 -21.90 -21.60 -8.43
CA PHE B 63 -20.59 -21.78 -7.84
C PHE B 63 -19.63 -22.19 -8.95
N SER B 64 -18.51 -21.47 -9.05
CA SER B 64 -17.52 -21.78 -10.07
C SER B 64 -16.13 -21.54 -9.51
N GLY B 65 -15.16 -22.34 -9.97
CA GLY B 65 -13.80 -22.24 -9.51
C GLY B 65 -12.86 -21.90 -10.65
N SER B 66 -11.80 -21.16 -10.34
CA SER B 66 -10.85 -20.74 -11.36
C SER B 66 -9.45 -20.62 -10.75
N ILE B 67 -8.46 -20.57 -11.62
CA ILE B 67 -7.06 -20.49 -11.25
C ILE B 67 -6.42 -19.36 -12.05
N ASP B 68 -5.70 -18.46 -11.35
CA ASP B 68 -4.93 -17.41 -11.97
C ASP B 68 -3.46 -17.63 -11.62
N SER B 69 -2.68 -18.07 -12.59
CA SER B 69 -1.27 -18.38 -12.34
C SER B 69 -0.43 -17.12 -12.18
N SER B 70 -0.81 -16.02 -12.84
CA SER B 70 -0.05 -14.78 -12.70
C SER B 70 -0.05 -14.30 -11.26
N SER B 71 -1.20 -14.37 -10.59
CA SER B 71 -1.33 -13.99 -9.20
C SER B 71 -1.11 -15.15 -8.23
N ASN B 72 -0.95 -16.37 -8.75
CA ASN B 72 -0.74 -17.55 -7.90
C ASN B 72 -1.94 -17.76 -6.99
N SER B 73 -3.14 -17.62 -7.53
CA SER B 73 -4.34 -17.65 -6.71
C SER B 73 -5.39 -18.57 -7.33
N ALA B 74 -6.26 -19.07 -6.46
CA ALA B 74 -7.48 -19.75 -6.86
C ALA B 74 -8.66 -18.88 -6.44
N SER B 75 -9.77 -18.99 -7.17
CA SER B 75 -10.92 -18.16 -6.88
C SER B 75 -12.19 -19.00 -6.91
N LEU B 76 -13.10 -18.67 -5.99
CA LEU B 76 -14.44 -19.23 -5.94
C LEU B 76 -15.42 -18.09 -6.20
N THR B 77 -16.19 -18.19 -7.27
CA THR B 77 -17.14 -17.17 -7.65
C THR B 77 -18.55 -17.71 -7.45
N ILE B 78 -19.37 -16.94 -6.74
CA ILE B 78 -20.74 -17.31 -6.45
C ILE B 78 -21.62 -16.24 -7.07
N SER B 79 -22.41 -16.63 -8.07
CA SER B 79 -23.36 -15.75 -8.73
C SER B 79 -24.75 -15.92 -8.11
N GLY B 80 -25.62 -14.95 -8.40
CA GLY B 80 -26.97 -14.98 -7.88
C GLY B 80 -26.99 -15.33 -6.40
N LEU B 81 -26.31 -14.51 -5.59
CA LEU B 81 -26.13 -14.83 -4.19
C LEU B 81 -27.47 -15.02 -3.49
N LYS B 82 -27.62 -16.14 -2.81
CA LYS B 82 -28.79 -16.44 -1.99
C LYS B 82 -28.41 -16.41 -0.52
N THR B 83 -29.43 -16.19 0.33
CA THR B 83 -29.19 -16.11 1.76
C THR B 83 -28.65 -17.41 2.35
N GLU B 84 -28.88 -18.54 1.70
CA GLU B 84 -28.39 -19.82 2.21
C GLU B 84 -26.89 -20.00 1.98
N ASP B 85 -26.26 -19.14 1.18
CA ASP B 85 -24.84 -19.23 0.92
C ASP B 85 -23.99 -18.63 2.02
N GLU B 86 -24.59 -17.90 2.95
CA GLU B 86 -23.85 -17.34 4.08
C GLU B 86 -23.16 -18.47 4.83
N ALA B 87 -21.84 -18.43 4.90
CA ALA B 87 -21.11 -19.57 5.44
C ALA B 87 -19.62 -19.29 5.37
N ASP B 88 -18.83 -20.19 5.97
CA ASP B 88 -17.38 -20.13 5.86
C ASP B 88 -16.93 -20.98 4.67
N TYR B 89 -16.04 -20.42 3.86
CA TYR B 89 -15.50 -21.10 2.69
C TYR B 89 -14.01 -21.31 2.87
N TYR B 90 -13.53 -22.49 2.49
CA TYR B 90 -12.13 -22.86 2.69
C TYR B 90 -11.56 -23.36 1.38
N CYS B 91 -10.37 -22.89 1.03
CA CYS B 91 -9.59 -23.46 -0.06
C CYS B 91 -8.58 -24.45 0.49
N GLN B 92 -8.21 -25.42 -0.33
CA GLN B 92 -7.33 -26.50 0.10
C GLN B 92 -6.56 -27.05 -1.09
N SER B 93 -5.28 -27.33 -0.89
CA SER B 93 -4.46 -27.93 -1.94
C SER B 93 -3.53 -28.96 -1.30
N TYR B 94 -2.62 -29.52 -2.10
CA TYR B 94 -1.74 -30.58 -1.65
C TYR B 94 -0.29 -30.14 -1.71
N ASP B 95 0.50 -30.65 -0.77
CA ASP B 95 1.96 -30.54 -0.76
C ASP B 95 2.52 -31.94 -0.97
N MET B 96 3.12 -32.16 -2.15
CA MET B 96 3.55 -33.49 -2.56
C MET B 96 4.83 -33.95 -1.89
N THR B 97 5.62 -33.03 -1.33
CA THR B 97 6.83 -33.45 -0.63
C THR B 97 6.50 -34.34 0.56
N ASN B 98 5.37 -34.08 1.22
CA ASN B 98 4.94 -34.86 2.37
C ASN B 98 3.50 -35.33 2.25
N HIS B 99 2.86 -35.13 1.09
CA HIS B 99 1.47 -35.55 0.88
C HIS B 99 0.53 -34.85 1.86
N ASN B 100 0.90 -33.67 2.32
CA ASN B 100 0.09 -32.97 3.31
C ASN B 100 -1.01 -32.17 2.61
N TRP B 101 -2.12 -31.98 3.32
CA TRP B 101 -3.19 -31.12 2.85
C TRP B 101 -3.03 -29.76 3.50
N VAL B 102 -2.95 -28.71 2.69
CA VAL B 102 -2.86 -27.34 3.18
C VAL B 102 -4.22 -26.69 3.01
N PHE B 103 -4.73 -26.09 4.08
CA PHE B 103 -5.99 -25.38 4.07
C PHE B 103 -5.76 -23.88 4.18
N GLY B 104 -6.66 -23.11 3.57
CA GLY B 104 -6.71 -21.70 3.85
C GLY B 104 -7.34 -21.41 5.20
N GLY B 105 -7.14 -20.18 5.67
CA GLY B 105 -7.65 -19.80 6.98
C GLY B 105 -9.15 -19.71 7.08
N GLY B 106 -9.85 -19.68 5.96
CA GLY B 106 -11.30 -19.58 5.96
C GLY B 106 -11.77 -18.16 5.70
N THR B 107 -12.88 -18.04 4.98
CA THR B 107 -13.47 -16.73 4.68
C THR B 107 -14.96 -16.79 5.00
N LYS B 108 -15.42 -15.89 5.86
CA LYS B 108 -16.83 -15.80 6.19
C LYS B 108 -17.54 -14.97 5.13
N LEU B 109 -18.48 -15.57 4.42
CA LEU B 109 -19.30 -14.89 3.43
C LEU B 109 -20.65 -14.56 4.07
N THR B 110 -20.93 -13.26 4.17
CA THR B 110 -22.18 -12.74 4.69
C THR B 110 -23.00 -12.19 3.53
N VAL B 111 -24.27 -12.56 3.47
CA VAL B 111 -25.21 -12.00 2.50
C VAL B 111 -25.91 -10.82 3.16
N LEU B 112 -25.58 -9.61 2.71
CA LEU B 112 -26.08 -8.39 3.34
C LEU B 112 -27.60 -8.33 3.33
N GLY B 113 -28.20 -8.43 4.52
CA GLY B 113 -29.64 -8.32 4.65
C GLY B 113 -30.07 -6.98 5.18
N GLN B 114 -29.14 -6.25 5.77
CA GLN B 114 -29.39 -4.93 6.34
C GLN B 114 -28.19 -4.05 6.06
N PRO B 115 -28.34 -2.73 6.17
CA PRO B 115 -27.22 -1.84 5.89
C PRO B 115 -26.04 -2.12 6.81
N LYS B 116 -24.84 -1.92 6.29
CA LYS B 116 -23.63 -2.12 7.08
C LYS B 116 -23.60 -1.14 8.25
N ALA B 117 -23.01 -1.59 9.36
CA ALA B 117 -22.94 -0.81 10.58
C ALA B 117 -21.52 -0.82 11.12
N ALA B 118 -21.04 0.35 11.54
CA ALA B 118 -19.71 0.44 12.11
C ALA B 118 -19.75 0.03 13.58
N PRO B 119 -18.67 -0.54 14.10
CA PRO B 119 -18.68 -1.04 15.48
C PRO B 119 -18.52 0.07 16.50
N SER B 120 -19.32 -0.02 17.57
CA SER B 120 -19.15 0.83 18.74
C SER B 120 -18.19 0.14 19.70
N VAL B 121 -17.14 0.85 20.07
CA VAL B 121 -16.05 0.28 20.88
C VAL B 121 -16.02 0.99 22.22
N THR B 122 -15.83 0.21 23.28
CA THR B 122 -15.71 0.74 24.64
C THR B 122 -14.61 -0.02 25.36
N LEU B 123 -13.62 0.70 25.87
CA LEU B 123 -12.46 0.09 26.50
C LEU B 123 -12.49 0.39 27.98
N PHE B 124 -12.71 -0.65 28.81
CA PHE B 124 -12.74 -0.57 30.26
C PHE B 124 -11.42 -1.07 30.83
N PRO B 125 -10.81 -0.37 31.79
CA PRO B 125 -9.58 -0.84 32.42
C PRO B 125 -9.82 -1.85 33.53
N ALA B 136 -5.17 -7.86 36.59
CA ALA B 136 -5.62 -6.79 35.70
C ALA B 136 -6.21 -7.38 34.43
N THR B 137 -7.32 -6.81 33.97
CA THR B 137 -7.99 -7.29 32.76
C THR B 137 -8.58 -6.09 32.03
N LEU B 138 -8.11 -5.87 30.80
CA LEU B 138 -8.69 -4.85 29.93
C LEU B 138 -9.83 -5.46 29.14
N VAL B 139 -10.97 -4.78 29.14
CA VAL B 139 -12.19 -5.29 28.52
C VAL B 139 -12.53 -4.37 27.36
N CYS B 140 -12.32 -4.85 26.14
CA CYS B 140 -12.64 -4.10 24.93
C CYS B 140 -13.96 -4.68 24.40
N LEU B 141 -15.06 -3.99 24.70
CA LEU B 141 -16.36 -4.40 24.21
C LEU B 141 -16.59 -3.78 22.84
N ILE B 142 -17.05 -4.61 21.91
CA ILE B 142 -17.37 -4.20 20.55
C ILE B 142 -18.82 -4.57 20.34
N SER B 143 -19.63 -3.64 19.84
CA SER B 143 -21.06 -3.91 19.81
C SER B 143 -21.71 -3.17 18.67
N ASP B 144 -22.88 -3.67 18.26
CA ASP B 144 -23.76 -3.01 17.30
C ASP B 144 -23.02 -2.77 15.99
N PHE B 145 -22.55 -3.86 15.38
CA PHE B 145 -21.88 -3.79 14.09
C PHE B 145 -22.43 -4.86 13.17
N TYR B 146 -22.33 -4.59 11.86
CA TYR B 146 -22.79 -5.49 10.82
C TYR B 146 -21.94 -5.22 9.58
N PRO B 147 -21.46 -6.26 8.88
CA PRO B 147 -21.58 -7.70 9.15
C PRO B 147 -20.83 -8.15 10.41
N GLY B 148 -21.11 -9.37 10.85
CA GLY B 148 -20.50 -9.90 12.05
C GLY B 148 -19.10 -10.41 11.86
N ALA B 149 -18.16 -9.50 11.63
CA ALA B 149 -16.76 -9.87 11.46
C ALA B 149 -15.89 -8.68 11.81
N VAL B 150 -15.02 -8.86 12.82
CA VAL B 150 -14.11 -7.81 13.25
C VAL B 150 -12.76 -8.46 13.54
N THR B 151 -11.72 -7.62 13.58
CA THR B 151 -10.39 -8.08 13.97
C THR B 151 -9.90 -7.19 15.09
N VAL B 152 -9.54 -7.80 16.22
CA VAL B 152 -9.12 -7.07 17.41
C VAL B 152 -7.59 -7.19 17.51
N ALA B 153 -6.95 -6.06 17.80
CA ALA B 153 -5.50 -6.03 17.99
C ALA B 153 -5.20 -5.18 19.22
N TRP B 154 -4.42 -5.73 20.13
CA TRP B 154 -4.03 -5.01 21.34
C TRP B 154 -2.61 -4.48 21.14
N LYS B 155 -2.41 -3.19 21.43
CA LYS B 155 -1.12 -2.56 21.28
C LYS B 155 -0.74 -1.88 22.59
N ALA B 156 0.33 -2.35 23.21
CA ALA B 156 0.92 -1.68 24.36
C ALA B 156 1.90 -0.63 23.84
N ASP B 157 1.52 0.64 23.94
CA ASP B 157 2.33 1.71 23.38
C ASP B 157 2.48 1.52 21.87
N SER B 158 3.65 1.06 21.42
CA SER B 158 3.90 0.79 20.01
C SER B 158 4.19 -0.68 19.72
N SER B 159 4.35 -1.53 20.73
CA SER B 159 4.73 -2.91 20.48
C SER B 159 3.50 -3.80 20.43
N PRO B 160 3.37 -4.68 19.43
CA PRO B 160 2.22 -5.58 19.38
C PRO B 160 2.26 -6.60 20.51
N VAL B 161 1.09 -7.10 20.88
CA VAL B 161 0.98 -8.15 21.89
C VAL B 161 -0.09 -9.15 21.44
N LYS B 162 0.23 -10.43 21.56
CA LYS B 162 -0.70 -11.50 21.21
C LYS B 162 -0.91 -12.49 22.34
N ALA B 163 -0.26 -12.30 23.48
CA ALA B 163 -0.36 -13.21 24.62
C ALA B 163 -1.37 -12.67 25.62
N GLY B 164 -2.16 -13.57 26.19
CA GLY B 164 -3.17 -13.18 27.16
C GLY B 164 -4.36 -12.50 26.55
N VAL B 165 -4.72 -12.84 25.32
CA VAL B 165 -5.84 -12.24 24.60
C VAL B 165 -6.91 -13.30 24.40
N GLU B 166 -8.13 -13.00 24.83
CA GLU B 166 -9.26 -13.89 24.66
C GLU B 166 -10.38 -13.11 24.00
N THR B 167 -10.69 -13.44 22.75
CA THR B 167 -11.67 -12.70 21.98
C THR B 167 -12.86 -13.60 21.67
N THR B 168 -14.06 -13.06 21.86
CA THR B 168 -15.26 -13.80 21.54
C THR B 168 -15.41 -13.94 20.02
N THR B 169 -16.19 -14.90 19.61
CA THR B 169 -16.64 -14.93 18.22
C THR B 169 -17.92 -14.10 18.10
N PRO B 170 -18.02 -13.21 17.11
CA PRO B 170 -19.22 -12.38 17.01
C PRO B 170 -20.49 -13.23 17.11
N SER B 171 -21.46 -12.72 17.86
CA SER B 171 -22.72 -13.41 18.09
C SER B 171 -23.87 -12.54 17.63
N LYS B 172 -24.91 -13.17 17.09
CA LYS B 172 -26.09 -12.42 16.66
C LYS B 172 -26.70 -11.71 17.86
N GLN B 173 -26.90 -10.41 17.73
CA GLN B 173 -27.59 -9.64 18.74
C GLN B 173 -29.10 -9.80 18.59
N SER B 174 -29.84 -9.23 19.54
CA SER B 174 -31.29 -9.28 19.47
C SER B 174 -31.81 -8.57 18.21
N ASN B 175 -31.10 -7.55 17.74
CA ASN B 175 -31.51 -6.78 16.58
C ASN B 175 -30.89 -7.27 15.28
N ASN B 176 -30.44 -8.52 15.23
CA ASN B 176 -29.83 -9.11 14.04
C ASN B 176 -28.54 -8.39 13.64
N LYS B 177 -27.96 -7.63 14.56
CA LYS B 177 -26.60 -7.11 14.43
C LYS B 177 -25.71 -7.96 15.33
N TYR B 178 -24.41 -7.69 15.31
CA TYR B 178 -23.45 -8.55 15.99
C TYR B 178 -22.72 -7.79 17.08
N ALA B 179 -22.26 -8.55 18.08
CA ALA B 179 -21.51 -8.02 19.21
C ALA B 179 -20.43 -9.01 19.58
N ALA B 180 -19.34 -8.48 20.15
CA ALA B 180 -18.21 -9.29 20.57
C ALA B 180 -17.50 -8.58 21.73
N SER B 181 -16.55 -9.30 22.33
CA SER B 181 -15.78 -8.75 23.44
C SER B 181 -14.40 -9.37 23.42
N SER B 182 -13.39 -8.57 23.78
CA SER B 182 -12.03 -9.04 23.90
C SER B 182 -11.52 -8.72 25.30
N TYR B 183 -10.75 -9.64 25.86
CA TYR B 183 -10.18 -9.48 27.20
C TYR B 183 -8.68 -9.66 27.10
N LEU B 184 -7.94 -8.69 27.63
CA LEU B 184 -6.49 -8.79 27.70
C LEU B 184 -6.11 -8.91 29.18
N SER B 185 -5.59 -10.07 29.55
CA SER B 185 -5.20 -10.33 30.94
C SER B 185 -3.75 -9.93 31.14
N LEU B 186 -3.50 -9.20 32.22
CA LEU B 186 -2.16 -8.69 32.53
C LEU B 186 -2.02 -8.62 34.05
N THR B 187 -0.77 -8.54 34.48
CA THR B 187 -0.50 -8.32 35.89
C THR B 187 -0.58 -6.83 36.21
N PRO B 188 -0.90 -6.47 37.46
CA PRO B 188 -0.89 -5.05 37.82
C PRO B 188 0.40 -4.35 37.46
N GLU B 189 1.51 -5.08 37.47
CA GLU B 189 2.80 -4.49 37.11
C GLU B 189 2.84 -4.11 35.64
N GLN B 190 2.28 -4.97 34.77
CA GLN B 190 2.21 -4.62 33.34
C GLN B 190 1.34 -3.39 33.12
N TRP B 191 0.25 -3.25 33.89
CA TRP B 191 -0.63 -2.10 33.75
C TRP B 191 0.07 -0.82 34.19
N LYS B 192 0.76 -0.86 35.34
CA LYS B 192 1.40 0.33 35.86
C LYS B 192 2.67 0.69 35.08
N SER B 193 3.29 -0.31 34.43
CA SER B 193 4.58 -0.08 33.77
C SER B 193 4.43 0.80 32.54
N HIS B 194 3.59 0.37 31.59
CA HIS B 194 3.45 1.10 30.34
C HIS B 194 2.70 2.40 30.56
N ARG B 195 2.74 3.27 29.54
CA ARG B 195 2.05 4.54 29.62
C ARG B 195 0.59 4.44 29.18
N SER B 196 0.26 3.47 28.31
CA SER B 196 -1.10 3.31 27.84
C SER B 196 -1.20 2.00 27.07
N TYR B 197 -2.41 1.47 27.01
CA TYR B 197 -2.76 0.33 26.17
C TYR B 197 -3.86 0.74 25.20
N SER B 198 -3.96 0.01 24.09
CA SER B 198 -4.91 0.38 23.04
C SER B 198 -5.55 -0.86 22.45
N CYS B 199 -6.84 -0.75 22.16
CA CYS B 199 -7.62 -1.77 21.46
C CYS B 199 -8.01 -1.22 20.10
N GLN B 200 -7.67 -1.96 19.05
CA GLN B 200 -7.94 -1.58 17.67
C GLN B 200 -8.91 -2.59 17.08
N VAL B 201 -10.07 -2.10 16.63
CA VAL B 201 -11.10 -2.94 16.03
C VAL B 201 -11.17 -2.61 14.54
N THR B 202 -10.87 -3.60 13.70
CA THR B 202 -10.94 -3.45 12.26
C THR B 202 -12.23 -4.07 11.74
N HIS B 203 -12.99 -3.29 10.98
CA HIS B 203 -14.28 -3.71 10.45
C HIS B 203 -14.47 -3.08 9.08
N GLU B 204 -14.63 -3.91 8.06
CA GLU B 204 -14.84 -3.43 6.68
C GLU B 204 -13.77 -2.43 6.27
N GLY B 205 -12.52 -2.71 6.66
CA GLY B 205 -11.40 -1.87 6.29
C GLY B 205 -11.26 -0.59 7.08
N SER B 206 -12.07 -0.39 8.11
CA SER B 206 -12.01 0.81 8.95
C SER B 206 -11.57 0.42 10.34
N THR B 207 -10.60 1.14 10.89
CA THR B 207 -10.05 0.85 12.20
C THR B 207 -10.55 1.88 13.21
N VAL B 208 -11.09 1.39 14.32
CA VAL B 208 -11.50 2.21 15.45
C VAL B 208 -10.57 1.87 16.62
N GLU B 209 -9.85 2.87 17.10
CA GLU B 209 -8.84 2.68 18.14
C GLU B 209 -9.25 3.41 19.40
N LYS B 210 -9.31 2.68 20.51
CA LYS B 210 -9.54 3.28 21.82
C LYS B 210 -8.34 3.02 22.71
N THR B 211 -8.00 4.00 23.54
CA THR B 211 -6.78 3.95 24.36
C THR B 211 -7.12 4.26 25.80
N VAL B 212 -6.36 3.67 26.71
CA VAL B 212 -6.49 3.95 28.13
C VAL B 212 -5.11 3.99 28.79
N LEU C 2 6.85 -32.46 -15.87
CA LEU C 2 6.81 -33.68 -15.06
C LEU C 2 5.36 -34.11 -14.84
N ARG C 3 5.03 -34.54 -13.63
CA ARG C 3 3.68 -35.04 -13.35
C ARG C 3 2.68 -33.88 -13.40
N ASP C 4 1.60 -34.08 -14.15
CA ASP C 4 0.49 -33.15 -14.11
C ASP C 4 -0.32 -33.37 -12.83
N LYS C 5 -1.42 -32.64 -12.70
CA LYS C 5 -2.23 -32.74 -11.49
C LYS C 5 -2.88 -34.12 -11.35
N LYS C 6 -3.27 -34.73 -12.47
CA LYS C 6 -3.87 -36.07 -12.39
C LYS C 6 -2.86 -37.10 -11.91
N GLN C 7 -1.63 -37.04 -12.40
CA GLN C 7 -0.61 -37.98 -11.96
C GLN C 7 -0.31 -37.79 -10.48
N LYS C 8 -0.33 -36.55 -10.01
CA LYS C 8 -0.11 -36.28 -8.60
C LYS C 8 -1.25 -36.84 -7.75
N ALA C 9 -2.50 -36.66 -8.21
CA ALA C 9 -3.63 -37.22 -7.48
C ALA C 9 -3.56 -38.74 -7.43
N TYR C 10 -3.19 -39.36 -8.54
CA TYR C 10 -3.00 -40.82 -8.55
C TYR C 10 -1.92 -41.23 -7.58
N ALA C 11 -0.78 -40.51 -7.58
CA ALA C 11 0.29 -40.81 -6.63
C ALA C 11 -0.20 -40.68 -5.19
N LEU C 12 -1.09 -39.74 -4.93
CA LEU C 12 -1.59 -39.55 -3.57
C LEU C 12 -2.55 -40.68 -3.17
N PHE C 13 -3.48 -41.05 -4.05
CA PHE C 13 -4.64 -41.81 -3.62
C PHE C 13 -4.84 -43.15 -4.31
N TYR C 14 -4.29 -43.37 -5.50
CA TYR C 14 -4.65 -44.55 -6.26
C TYR C 14 -4.29 -45.81 -5.49
N ARG C 15 -5.16 -46.82 -5.58
CA ARG C 15 -4.90 -48.12 -4.97
C ARG C 15 -5.36 -49.22 -5.93
N PRO C 16 -4.54 -50.25 -6.17
CA PRO C 16 -4.91 -51.28 -7.15
C PRO C 16 -5.95 -52.24 -6.59
N ASP C 17 -7.03 -52.43 -7.34
CA ASP C 17 -8.07 -53.38 -6.95
C ASP C 17 -8.61 -54.11 -8.17
N GLU D 1 28.83 -7.12 -7.04
CA GLU D 1 27.85 -6.16 -6.49
C GLU D 1 26.77 -5.84 -7.52
N VAL D 2 25.54 -5.62 -7.05
CA VAL D 2 24.43 -5.33 -7.94
C VAL D 2 24.53 -3.90 -8.45
N GLN D 3 24.11 -3.69 -9.69
CA GLN D 3 24.28 -2.40 -10.31
C GLN D 3 23.41 -2.31 -11.55
N LEU D 4 22.92 -1.11 -11.84
CA LEU D 4 22.17 -0.83 -13.07
C LEU D 4 22.88 0.29 -13.81
N VAL D 5 23.36 0.00 -15.01
CA VAL D 5 24.09 0.95 -15.84
C VAL D 5 23.14 1.45 -16.92
N GLN D 6 22.93 2.75 -16.98
CA GLN D 6 22.04 3.38 -17.96
C GLN D 6 22.84 4.05 -19.05
N SER D 7 22.23 4.15 -20.23
CA SER D 7 22.91 4.76 -21.37
C SER D 7 23.02 6.27 -21.18
N GLY D 8 23.87 6.89 -22.01
CA GLY D 8 24.26 8.27 -21.80
C GLY D 8 23.19 9.27 -22.22
N ALA D 9 23.48 10.54 -21.91
CA ALA D 9 22.52 11.60 -22.16
C ALA D 9 22.20 11.72 -23.65
N GLU D 10 20.94 11.97 -23.95
CA GLU D 10 20.45 12.02 -25.32
C GLU D 10 19.93 13.41 -25.62
N VAL D 11 20.34 13.96 -26.76
CA VAL D 11 19.88 15.26 -27.23
C VAL D 11 19.22 15.02 -28.58
N LYS D 12 17.89 15.01 -28.60
CA LYS D 12 17.10 14.68 -29.77
C LYS D 12 16.21 15.85 -30.15
N LYS D 13 15.52 15.71 -31.28
CA LYS D 13 14.54 16.67 -31.74
C LYS D 13 13.18 15.99 -31.85
N PRO D 14 12.08 16.75 -31.76
CA PRO D 14 10.76 16.13 -31.89
C PRO D 14 10.63 15.41 -33.23
N GLY D 15 9.92 14.27 -33.21
CA GLY D 15 9.75 13.44 -34.37
C GLY D 15 10.78 12.34 -34.50
N GLU D 16 11.93 12.46 -33.84
CA GLU D 16 12.96 11.45 -33.90
C GLU D 16 12.65 10.29 -32.95
N SER D 17 13.13 9.11 -33.31
CA SER D 17 13.01 7.93 -32.47
C SER D 17 14.19 7.86 -31.50
N LEU D 18 13.99 7.14 -30.41
CA LEU D 18 15.00 7.04 -29.38
C LEU D 18 14.86 5.70 -28.66
N LYS D 19 15.99 5.17 -28.21
CA LYS D 19 16.01 3.93 -27.45
C LYS D 19 17.09 4.04 -26.39
N ILE D 20 16.70 3.89 -25.12
CA ILE D 20 17.64 3.93 -24.01
C ILE D 20 17.61 2.59 -23.31
N SER D 21 18.68 2.29 -22.58
CA SER D 21 18.91 0.95 -22.06
C SER D 21 19.35 0.99 -20.62
N CYS D 22 19.06 -0.11 -19.91
CA CYS D 22 19.57 -0.39 -18.58
C CYS D 22 20.14 -1.80 -18.57
N LYS D 23 21.39 -1.93 -18.16
CA LYS D 23 22.02 -3.24 -18.03
C LYS D 23 22.26 -3.54 -16.56
N GLY D 24 21.82 -4.72 -16.13
CA GLY D 24 21.96 -5.15 -14.75
C GLY D 24 23.19 -6.03 -14.57
N PHE D 25 23.93 -5.75 -13.51
CA PHE D 25 25.10 -6.53 -13.12
C PHE D 25 24.93 -7.02 -11.69
N GLY D 26 25.53 -8.17 -11.40
CA GLY D 26 25.66 -8.63 -10.03
C GLY D 26 24.54 -9.50 -9.51
N TYR D 27 23.51 -9.74 -10.31
CA TYR D 27 22.38 -10.57 -9.87
C TYR D 27 21.78 -11.24 -11.09
N SER D 28 20.75 -12.05 -10.86
CA SER D 28 20.08 -12.78 -11.93
C SER D 28 19.07 -11.85 -12.58
N PHE D 29 19.45 -11.25 -13.71
CA PHE D 29 18.65 -10.20 -14.32
C PHE D 29 17.26 -10.68 -14.72
N SER D 30 17.13 -11.95 -15.11
CA SER D 30 15.88 -12.46 -15.65
C SER D 30 14.82 -12.73 -14.57
N THR D 31 15.19 -12.70 -13.29
CA THR D 31 14.28 -13.10 -12.23
C THR D 31 13.83 -11.93 -11.34
N TYR D 32 13.91 -10.70 -11.85
CA TYR D 32 13.42 -9.54 -11.10
C TYR D 32 12.86 -8.52 -12.08
N TRP D 33 11.77 -7.87 -11.67
CA TRP D 33 11.19 -6.82 -12.48
C TRP D 33 12.13 -5.63 -12.59
N ILE D 34 12.11 -4.98 -13.75
CA ILE D 34 12.77 -3.70 -13.98
C ILE D 34 11.68 -2.67 -14.24
N ALA D 35 11.64 -1.63 -13.42
CA ALA D 35 10.70 -0.53 -13.58
C ALA D 35 11.39 0.66 -14.24
N TRP D 36 10.64 1.35 -15.09
CA TRP D 36 11.06 2.60 -15.72
C TRP D 36 10.23 3.72 -15.12
N VAL D 37 10.92 4.72 -14.55
CA VAL D 37 10.33 5.86 -13.87
C VAL D 37 10.80 7.13 -14.56
N ARG D 38 9.91 8.10 -14.68
CA ARG D 38 10.18 9.35 -15.38
C ARG D 38 10.14 10.52 -14.40
N GLN D 39 11.02 11.50 -14.62
CA GLN D 39 11.02 12.72 -13.82
C GLN D 39 11.33 13.88 -14.75
N MET D 40 10.32 14.70 -15.04
CA MET D 40 10.56 15.90 -15.82
C MET D 40 11.31 16.93 -14.97
N PRO D 41 12.15 17.75 -15.60
CA PRO D 41 12.99 18.68 -14.82
C PRO D 41 12.16 19.57 -13.91
N GLY D 42 12.42 19.47 -12.61
CA GLY D 42 11.72 20.27 -11.62
C GLY D 42 10.40 19.69 -11.16
N LYS D 43 10.13 18.42 -11.41
CA LYS D 43 8.83 17.83 -11.12
C LYS D 43 9.03 16.47 -10.46
N GLY D 44 7.91 15.83 -10.12
CA GLY D 44 7.92 14.61 -9.35
C GLY D 44 8.06 13.35 -10.20
N LEU D 45 8.12 12.22 -9.51
CA LEU D 45 8.34 10.94 -10.16
C LEU D 45 7.07 10.40 -10.78
N GLU D 46 7.21 9.76 -11.95
CA GLU D 46 6.10 9.13 -12.64
C GLU D 46 6.53 7.76 -13.11
N TRP D 47 5.63 6.79 -12.95
CA TRP D 47 5.91 5.42 -13.33
C TRP D 47 5.66 5.23 -14.82
N MET D 48 6.73 4.95 -15.57
CA MET D 48 6.57 4.64 -16.99
C MET D 48 6.02 3.24 -17.18
N GLY D 49 6.69 2.25 -16.59
CA GLY D 49 6.23 0.88 -16.77
C GLY D 49 7.19 -0.13 -16.20
N MET D 50 7.05 -1.37 -16.67
CA MET D 50 7.70 -2.51 -16.06
C MET D 50 7.97 -3.59 -17.10
N ILE D 51 9.05 -4.34 -16.88
CA ILE D 51 9.29 -5.57 -17.63
C ILE D 51 9.89 -6.60 -16.70
N TYR D 52 9.36 -7.82 -16.76
CA TYR D 52 9.97 -9.00 -16.16
C TYR D 52 10.77 -9.67 -17.27
N PRO D 53 12.10 -9.57 -17.27
CA PRO D 53 12.89 -10.06 -18.41
C PRO D 53 12.87 -11.56 -18.58
N GLY D 54 12.65 -12.32 -17.50
CA GLY D 54 12.65 -13.77 -17.62
C GLY D 54 11.73 -14.28 -18.71
N ASP D 55 10.49 -13.80 -18.70
CA ASP D 55 9.52 -14.12 -19.74
C ASP D 55 9.14 -12.90 -20.57
N SER D 56 9.82 -11.76 -20.34
CA SER D 56 9.58 -10.56 -21.12
C SER D 56 8.15 -10.07 -20.97
N ASP D 57 7.59 -10.18 -19.77
CA ASP D 57 6.25 -9.68 -19.53
C ASP D 57 6.31 -8.17 -19.30
N THR D 58 5.43 -7.41 -19.94
CA THR D 58 5.51 -5.96 -19.88
C THR D 58 4.22 -5.37 -19.33
N LYS D 59 4.38 -4.32 -18.53
CA LYS D 59 3.27 -3.54 -17.97
C LYS D 59 3.51 -2.07 -18.29
N TYR D 60 2.43 -1.36 -18.61
CA TYR D 60 2.53 0.04 -19.02
C TYR D 60 1.63 0.91 -18.16
N SER D 61 2.10 2.11 -17.86
CA SER D 61 1.24 3.11 -17.26
C SER D 61 0.06 3.38 -18.18
N PRO D 62 -1.14 3.60 -17.64
CA PRO D 62 -2.30 3.82 -18.53
C PRO D 62 -2.18 5.08 -19.37
N SER D 63 -1.46 6.10 -18.88
CA SER D 63 -1.41 7.38 -19.56
C SER D 63 -0.56 7.35 -20.84
N LEU D 64 0.19 6.29 -21.09
CA LEU D 64 1.13 6.29 -22.21
C LEU D 64 0.40 6.25 -23.55
N GLN D 65 -0.66 5.44 -23.65
CA GLN D 65 -1.44 5.32 -24.88
C GLN D 65 -0.58 4.82 -26.03
N GLY D 66 0.24 3.81 -25.76
CA GLY D 66 1.01 3.16 -26.80
C GLY D 66 2.13 3.97 -27.40
N GLN D 67 2.57 5.03 -26.72
CA GLN D 67 3.60 5.90 -27.29
C GLN D 67 5.00 5.32 -27.11
N VAL D 68 5.21 4.48 -26.09
CA VAL D 68 6.53 3.94 -25.79
C VAL D 68 6.46 2.42 -25.74
N THR D 69 7.61 1.80 -25.94
CA THR D 69 7.76 0.35 -25.89
C THR D 69 8.84 0.00 -24.88
N ILE D 70 8.51 -0.88 -23.94
CA ILE D 70 9.48 -1.44 -23.01
C ILE D 70 9.79 -2.86 -23.46
N SER D 71 11.08 -3.17 -23.60
CA SER D 71 11.50 -4.46 -24.13
C SER D 71 12.71 -4.94 -23.36
N GLY D 72 13.20 -6.13 -23.71
CA GLY D 72 14.30 -6.73 -22.98
C GLY D 72 15.11 -7.65 -23.86
N ASP D 73 16.39 -7.81 -23.49
CA ASP D 73 17.31 -8.72 -24.14
C ASP D 73 18.06 -9.46 -23.04
N LYS D 74 17.73 -10.74 -22.86
CA LYS D 74 18.31 -11.52 -21.77
C LYS D 74 19.77 -11.83 -22.03
N SER D 75 20.13 -12.12 -23.28
CA SER D 75 21.50 -12.47 -23.60
C SER D 75 22.50 -11.41 -23.15
N ILE D 76 22.06 -10.16 -22.97
CA ILE D 76 22.93 -9.09 -22.49
C ILE D 76 22.35 -8.42 -21.24
N SER D 77 21.39 -9.08 -20.58
CA SER D 77 20.85 -8.61 -19.31
C SER D 77 20.46 -7.13 -19.38
N THR D 78 19.66 -6.78 -20.40
CA THR D 78 19.36 -5.38 -20.66
C THR D 78 17.86 -5.18 -20.85
N ALA D 79 17.37 -4.04 -20.38
CA ALA D 79 16.00 -3.59 -20.59
C ALA D 79 16.03 -2.30 -21.39
N TYR D 80 15.01 -2.09 -22.21
CA TYR D 80 15.00 -0.97 -23.15
C TYR D 80 13.71 -0.18 -23.01
N LEU D 81 13.82 1.13 -23.12
CA LEU D 81 12.69 2.05 -23.20
C LEU D 81 12.81 2.80 -24.52
N GLN D 82 11.73 2.79 -25.31
CA GLN D 82 11.81 3.15 -26.71
C GLN D 82 10.65 4.07 -27.10
N TRP D 83 10.98 5.11 -27.86
CA TRP D 83 10.00 5.98 -28.52
C TRP D 83 10.20 5.90 -30.03
N SER D 84 9.09 5.87 -30.76
CA SER D 84 9.14 6.01 -32.21
C SER D 84 9.06 7.46 -32.67
N SER D 85 8.52 8.36 -31.83
CA SER D 85 8.37 9.77 -32.21
C SER D 85 8.43 10.59 -30.93
N LEU D 86 9.60 11.15 -30.65
CA LEU D 86 9.79 11.93 -29.44
C LEU D 86 8.98 13.22 -29.48
N LYS D 87 8.69 13.75 -28.30
CA LYS D 87 8.06 15.05 -28.14
C LYS D 87 8.89 15.87 -27.14
N ALA D 88 8.69 17.19 -27.20
CA ALA D 88 9.38 18.06 -26.24
C ALA D 88 8.98 17.72 -24.81
N SER D 89 7.72 17.35 -24.60
CA SER D 89 7.25 16.99 -23.27
C SER D 89 7.92 15.74 -22.74
N ASP D 90 8.50 14.91 -23.61
CA ASP D 90 9.26 13.76 -23.16
C ASP D 90 10.63 14.13 -22.60
N THR D 91 10.99 15.42 -22.62
CA THR D 91 12.21 15.87 -21.96
C THR D 91 12.15 15.53 -20.48
N ALA D 92 13.09 14.71 -20.01
CA ALA D 92 13.03 14.25 -18.63
C ALA D 92 14.23 13.37 -18.34
N MET D 93 14.45 13.12 -17.05
CA MET D 93 15.37 12.08 -16.60
C MET D 93 14.59 10.78 -16.48
N TYR D 94 15.16 9.71 -17.02
CA TYR D 94 14.53 8.39 -16.98
C TYR D 94 15.39 7.46 -16.15
N TYR D 95 14.85 7.01 -15.02
CA TYR D 95 15.50 6.04 -14.16
C TYR D 95 14.95 4.66 -14.44
N CYS D 96 15.77 3.65 -14.21
CA CYS D 96 15.30 2.29 -14.08
C CYS D 96 15.67 1.78 -12.70
N ALA D 97 14.93 0.77 -12.24
CA ALA D 97 15.12 0.24 -10.91
C ALA D 97 14.74 -1.23 -10.87
N ARG D 98 15.52 -2.02 -10.14
CA ARG D 98 15.18 -3.41 -9.90
C ARG D 98 14.19 -3.53 -8.77
N LEU D 99 13.16 -4.36 -8.98
CA LEU D 99 12.20 -4.69 -7.92
C LEU D 99 12.71 -5.94 -7.20
N LEU D 100 13.24 -5.75 -5.99
CA LEU D 100 13.74 -6.84 -5.19
C LEU D 100 12.58 -7.57 -4.51
N ASN D 101 12.75 -8.87 -4.32
CA ASN D 101 11.78 -9.65 -3.57
C ASN D 101 12.47 -10.61 -2.62
N ASN D 102 11.91 -10.73 -1.42
CA ASN D 102 12.38 -11.67 -0.41
C ASN D 102 11.16 -12.13 0.38
N TYR D 103 11.39 -13.13 1.23
CA TYR D 103 10.33 -13.67 2.07
C TYR D 103 10.25 -12.94 3.41
N ASP D 104 9.03 -12.74 3.88
CA ASP D 104 8.79 -12.21 5.21
C ASP D 104 9.05 -13.28 6.27
N SER D 105 9.16 -12.85 7.52
CA SER D 105 9.09 -13.78 8.64
C SER D 105 7.80 -14.59 8.60
N SER D 106 6.76 -14.06 7.98
CA SER D 106 5.47 -14.73 7.88
C SER D 106 5.40 -15.72 6.73
N GLY D 107 6.40 -15.77 5.86
CA GLY D 107 6.45 -16.74 4.79
C GLY D 107 5.93 -16.27 3.44
N PHE D 108 5.67 -14.97 3.28
CA PHE D 108 5.21 -14.43 2.01
C PHE D 108 6.25 -13.48 1.43
N LEU D 109 6.21 -13.35 0.10
CA LEU D 109 7.11 -12.45 -0.59
C LEU D 109 6.68 -11.00 -0.39
N TYR D 110 7.66 -10.10 -0.45
CA TYR D 110 7.41 -8.68 -0.56
C TYR D 110 8.26 -8.14 -1.70
N TRP D 111 7.88 -6.98 -2.22
CA TRP D 111 8.58 -6.37 -3.35
C TRP D 111 8.84 -4.90 -3.05
N TYR D 112 10.06 -4.44 -3.32
CA TYR D 112 10.34 -3.01 -3.30
C TYR D 112 11.56 -2.75 -4.18
N LEU D 113 11.70 -1.49 -4.59
CA LEU D 113 12.78 -1.08 -5.48
C LEU D 113 14.03 -0.80 -4.65
N ASP D 114 14.97 -1.73 -4.67
CA ASP D 114 16.17 -1.63 -3.85
C ASP D 114 17.37 -1.06 -4.59
N LEU D 115 17.31 -0.98 -5.91
CA LEU D 115 18.48 -0.66 -6.72
C LEU D 115 18.04 0.20 -7.89
N TRP D 116 18.70 1.34 -8.07
CA TRP D 116 18.34 2.32 -9.09
C TRP D 116 19.53 2.61 -10.00
N GLY D 117 19.24 2.86 -11.27
CA GLY D 117 20.25 3.41 -12.15
C GLY D 117 20.47 4.89 -11.89
N ARG D 118 21.59 5.40 -12.43
CA ARG D 118 21.89 6.81 -12.28
C ARG D 118 20.88 7.69 -13.01
N GLY D 119 20.21 7.15 -14.01
CA GLY D 119 19.27 7.91 -14.81
C GLY D 119 19.87 8.33 -16.14
N THR D 120 19.00 8.54 -17.12
CA THR D 120 19.38 9.00 -18.45
C THR D 120 18.63 10.29 -18.73
N LEU D 121 19.36 11.37 -18.95
CA LEU D 121 18.73 12.64 -19.28
C LEU D 121 18.43 12.67 -20.77
N VAL D 122 17.17 12.95 -21.11
CA VAL D 122 16.73 13.04 -22.50
C VAL D 122 16.18 14.44 -22.70
N THR D 123 16.80 15.20 -23.60
CA THR D 123 16.35 16.54 -23.94
C THR D 123 15.84 16.54 -25.37
N VAL D 124 14.60 16.98 -25.55
CA VAL D 124 13.97 17.09 -26.86
C VAL D 124 13.57 18.54 -27.07
N SER D 125 14.12 19.17 -28.10
CA SER D 125 13.81 20.56 -28.40
C SER D 125 13.86 20.78 -29.90
N SER D 126 12.99 21.67 -30.37
CA SER D 126 13.00 22.13 -31.75
C SER D 126 13.56 23.55 -31.90
N ALA D 127 13.74 24.26 -30.80
CA ALA D 127 14.18 25.64 -30.86
C ALA D 127 15.47 25.76 -31.66
N SER D 128 15.47 26.66 -32.63
CA SER D 128 16.67 26.99 -33.38
C SER D 128 17.41 28.12 -32.68
N THR D 129 18.67 28.30 -33.05
CA THR D 129 19.46 29.39 -32.46
C THR D 129 18.76 30.72 -32.70
N LYS D 130 18.43 31.41 -31.62
CA LYS D 130 17.72 32.69 -31.68
C LYS D 130 18.41 33.69 -30.76
N GLY D 131 18.59 34.91 -31.26
CA GLY D 131 19.05 35.99 -30.43
C GLY D 131 17.95 36.53 -29.56
N PRO D 132 18.31 37.14 -28.43
CA PRO D 132 17.29 37.64 -27.51
C PRO D 132 16.72 38.99 -27.93
N SER D 133 15.58 39.32 -27.33
CA SER D 133 15.05 40.67 -27.31
C SER D 133 15.24 41.24 -25.91
N VAL D 134 15.83 42.42 -25.83
CA VAL D 134 16.18 43.02 -24.54
C VAL D 134 15.23 44.19 -24.29
N PHE D 135 14.50 44.13 -23.17
CA PHE D 135 13.56 45.17 -22.83
C PHE D 135 13.92 45.81 -21.50
N PRO D 136 13.78 47.14 -21.36
CA PRO D 136 14.16 47.79 -20.11
C PRO D 136 13.05 47.80 -19.07
N LEU D 137 13.22 47.03 -18.00
CA LEU D 137 12.31 47.08 -16.85
C LEU D 137 12.64 48.37 -16.09
N ALA D 138 11.80 49.38 -16.28
CA ALA D 138 12.08 50.72 -15.77
C ALA D 138 12.23 50.69 -14.25
N PRO D 139 12.91 51.69 -13.68
CA PRO D 139 13.17 51.67 -12.23
C PRO D 139 11.90 51.60 -11.39
N SER D 140 11.71 50.48 -10.70
CA SER D 140 10.63 50.31 -9.74
C SER D 140 11.19 50.56 -8.34
N SER D 141 10.46 51.34 -7.55
CA SER D 141 10.91 51.68 -6.20
C SER D 141 10.96 50.43 -5.32
N LYS D 142 12.15 49.85 -5.17
CA LYS D 142 12.31 48.70 -4.29
C LYS D 142 12.03 49.06 -2.84
N SER D 143 12.63 50.15 -2.37
CA SER D 143 12.45 50.61 -0.99
C SER D 143 12.45 52.12 -0.98
N THR D 144 11.31 52.72 -0.64
CA THR D 144 11.27 54.17 -0.44
C THR D 144 12.03 54.56 0.82
N SER D 145 12.03 53.69 1.84
CA SER D 145 12.80 53.97 3.05
C SER D 145 14.29 53.88 2.78
N GLY D 146 14.72 52.88 2.01
CA GLY D 146 16.11 52.74 1.63
C GLY D 146 16.56 53.68 0.54
N GLY D 147 15.66 54.52 0.01
CA GLY D 147 16.00 55.40 -1.09
C GLY D 147 16.58 54.65 -2.27
N THR D 148 16.10 53.43 -2.48
CA THR D 148 16.60 52.56 -3.54
C THR D 148 15.49 52.23 -4.52
N ALA D 149 15.90 51.98 -5.76
CA ALA D 149 14.99 51.57 -6.83
C ALA D 149 15.59 50.36 -7.53
N ALA D 150 14.71 49.49 -8.02
CA ALA D 150 15.11 48.30 -8.76
C ALA D 150 14.82 48.54 -10.23
N LEU D 151 15.87 48.53 -11.05
CA LEU D 151 15.73 48.59 -12.49
C LEU D 151 16.28 47.30 -13.06
N GLY D 152 16.07 47.08 -14.36
CA GLY D 152 16.60 45.84 -14.90
C GLY D 152 16.49 45.74 -16.40
N CYS D 153 17.08 44.67 -16.92
CA CYS D 153 16.93 44.28 -18.32
C CYS D 153 16.27 42.91 -18.39
N LEU D 154 15.45 42.73 -19.42
CA LEU D 154 14.66 41.53 -19.63
C LEU D 154 15.12 40.91 -20.94
N VAL D 155 15.88 39.83 -20.85
CA VAL D 155 16.37 39.11 -22.01
C VAL D 155 15.35 38.03 -22.34
N LYS D 156 14.84 38.03 -23.58
CA LYS D 156 13.63 37.31 -23.90
C LYS D 156 13.81 36.47 -25.17
N ASP D 157 13.26 35.26 -25.15
CA ASP D 157 13.11 34.44 -26.34
C ASP D 157 14.45 34.26 -27.07
N TYR D 158 15.37 33.58 -26.37
CA TYR D 158 16.68 33.26 -26.93
C TYR D 158 16.94 31.77 -26.77
N PHE D 159 17.70 31.22 -27.72
CA PHE D 159 18.07 29.83 -27.70
C PHE D 159 19.40 29.71 -28.43
N PRO D 160 20.37 28.93 -27.91
CA PRO D 160 20.37 28.25 -26.61
C PRO D 160 20.90 29.14 -25.50
N GLU D 161 21.08 28.58 -24.32
CA GLU D 161 21.79 29.27 -23.25
C GLU D 161 23.29 29.26 -23.55
N PRO D 162 24.07 30.12 -22.88
CA PRO D 162 23.69 31.18 -21.94
C PRO D 162 23.73 32.58 -22.55
N VAL D 163 23.26 33.55 -21.78
CA VAL D 163 23.44 34.97 -22.09
C VAL D 163 24.19 35.60 -20.92
N THR D 164 25.25 36.34 -21.23
CA THR D 164 25.97 37.09 -20.22
C THR D 164 25.37 38.48 -20.13
N VAL D 165 25.13 38.95 -18.91
CA VAL D 165 24.54 40.26 -18.68
C VAL D 165 25.44 41.04 -17.74
N SER D 166 25.84 42.23 -18.17
CA SER D 166 26.61 43.15 -17.33
C SER D 166 25.93 44.52 -17.36
N TRP D 167 26.25 45.34 -16.36
CA TRP D 167 25.69 46.68 -16.26
C TRP D 167 26.78 47.71 -16.52
N ASN D 168 26.53 48.60 -17.47
CA ASN D 168 27.46 49.68 -17.80
C ASN D 168 28.83 49.12 -18.22
N SER D 169 28.80 48.15 -19.12
CA SER D 169 30.02 47.55 -19.68
C SER D 169 30.91 47.00 -18.57
N GLY D 170 30.29 46.34 -17.59
CA GLY D 170 31.02 45.76 -16.48
C GLY D 170 31.39 46.73 -15.38
N ALA D 171 30.99 47.99 -15.48
CA ALA D 171 31.34 48.97 -14.46
C ALA D 171 30.63 48.66 -13.14
N LEU D 172 29.31 48.51 -13.18
CA LEU D 172 28.53 48.32 -11.97
C LEU D 172 28.60 46.87 -11.51
N THR D 173 28.92 46.68 -10.22
CA THR D 173 29.12 45.35 -9.67
C THR D 173 28.41 45.16 -8.33
N SER D 174 27.59 46.12 -7.91
CA SER D 174 26.91 46.05 -6.61
C SER D 174 25.41 45.90 -6.82
N GLY D 175 24.78 45.12 -5.94
CA GLY D 175 23.35 44.91 -6.01
C GLY D 175 22.86 44.37 -7.33
N VAL D 176 23.72 43.69 -8.07
CA VAL D 176 23.38 43.14 -9.38
C VAL D 176 23.01 41.68 -9.21
N HIS D 177 21.82 41.29 -9.69
CA HIS D 177 21.33 39.93 -9.55
C HIS D 177 20.74 39.49 -10.88
N THR D 178 21.39 38.55 -11.54
CA THR D 178 20.89 37.97 -12.78
C THR D 178 20.20 36.65 -12.44
N PHE D 179 18.89 36.61 -12.62
CA PHE D 179 18.10 35.46 -12.23
C PHE D 179 18.25 34.34 -13.25
N PRO D 180 18.15 33.08 -12.80
CA PRO D 180 18.15 31.97 -13.76
C PRO D 180 16.99 32.09 -14.74
N ALA D 181 17.15 31.43 -15.88
CA ALA D 181 16.22 31.58 -16.98
C ALA D 181 15.07 30.57 -16.87
N VAL D 182 13.89 31.01 -17.30
CA VAL D 182 12.76 30.12 -17.49
C VAL D 182 12.87 29.49 -18.87
N LEU D 183 12.51 28.21 -18.97
CA LEU D 183 12.31 27.56 -20.27
C LEU D 183 10.82 27.66 -20.60
N GLN D 184 10.49 28.42 -21.64
CA GLN D 184 9.11 28.68 -21.97
C GLN D 184 8.49 27.50 -22.72
N SER D 185 7.17 27.53 -22.85
CA SER D 185 6.47 26.53 -23.65
C SER D 185 6.87 26.62 -25.12
N SER D 186 7.37 27.77 -25.57
CA SER D 186 7.86 27.91 -26.94
C SER D 186 9.21 27.24 -27.14
N GLY D 187 9.82 26.71 -26.09
CA GLY D 187 11.15 26.14 -26.19
C GLY D 187 12.29 27.13 -26.08
N LEU D 188 12.00 28.42 -25.98
CA LEU D 188 13.02 29.45 -25.85
C LEU D 188 13.20 29.85 -24.40
N TYR D 189 14.33 30.50 -24.12
CA TYR D 189 14.68 30.90 -22.77
C TYR D 189 14.44 32.39 -22.56
N SER D 190 14.18 32.75 -21.31
CA SER D 190 14.05 34.15 -20.92
C SER D 190 14.59 34.29 -19.50
N LEU D 191 15.29 35.39 -19.26
CA LEU D 191 15.76 35.71 -17.92
C LEU D 191 15.68 37.22 -17.70
N SER D 192 15.94 37.61 -16.46
CA SER D 192 15.89 39.02 -16.08
C SER D 192 17.09 39.31 -15.20
N SER D 193 17.77 40.42 -15.48
CA SER D 193 18.87 40.89 -14.66
C SER D 193 18.44 42.19 -14.00
N VAL D 194 18.35 42.18 -12.68
CA VAL D 194 17.92 43.33 -11.91
C VAL D 194 19.13 43.95 -11.21
N VAL D 195 19.02 45.24 -10.92
CA VAL D 195 20.04 45.95 -10.16
C VAL D 195 19.35 47.00 -9.30
N THR D 196 19.84 47.16 -8.08
CA THR D 196 19.34 48.14 -7.14
C THR D 196 20.27 49.35 -7.15
N VAL D 197 19.69 50.54 -7.25
CA VAL D 197 20.48 51.77 -7.30
C VAL D 197 19.75 52.86 -6.53
N PRO D 198 20.51 53.83 -6.01
CA PRO D 198 19.87 54.86 -5.18
C PRO D 198 18.85 55.65 -5.96
N SER D 199 17.69 55.89 -5.33
CA SER D 199 16.69 56.77 -5.93
C SER D 199 17.25 58.16 -6.18
N SER D 200 18.21 58.58 -5.37
CA SER D 200 18.81 59.90 -5.53
C SER D 200 19.42 60.06 -6.92
N SER D 201 20.03 59.01 -7.44
CA SER D 201 20.77 59.08 -8.70
C SER D 201 19.92 58.68 -9.91
N LEU D 202 18.61 58.50 -9.73
CA LEU D 202 17.77 58.12 -10.87
C LEU D 202 17.68 59.24 -11.90
N GLY D 203 17.29 60.43 -11.47
CA GLY D 203 17.18 61.54 -12.40
C GLY D 203 18.50 61.87 -13.08
N THR D 204 19.62 61.58 -12.43
CA THR D 204 20.93 61.91 -12.97
C THR D 204 21.50 60.79 -13.81
N GLN D 205 21.43 59.56 -13.32
CA GLN D 205 22.15 58.44 -13.92
C GLN D 205 21.27 57.68 -14.91
N THR D 206 21.83 57.39 -16.08
CA THR D 206 21.22 56.52 -17.07
C THR D 206 22.03 55.23 -17.13
N TYR D 207 21.37 54.11 -16.87
CA TYR D 207 22.04 52.82 -16.78
C TYR D 207 21.95 52.07 -18.10
N ILE D 208 23.01 51.32 -18.40
CA ILE D 208 23.09 50.54 -19.63
C ILE D 208 23.32 49.08 -19.25
N CYS D 209 22.73 48.17 -20.01
CA CYS D 209 22.88 46.74 -19.81
C CYS D 209 23.44 46.14 -21.10
N ASN D 210 24.59 45.48 -20.98
CA ASN D 210 25.22 44.78 -22.08
C ASN D 210 24.86 43.31 -21.99
N VAL D 211 24.13 42.82 -22.99
CA VAL D 211 23.69 41.44 -23.08
C VAL D 211 24.43 40.80 -24.24
N ASN D 212 25.17 39.72 -23.96
CA ASN D 212 25.97 39.02 -24.96
C ASN D 212 25.44 37.59 -25.09
N HIS D 213 25.00 37.25 -26.30
CA HIS D 213 24.54 35.91 -26.65
C HIS D 213 25.42 35.46 -27.81
N LYS D 214 26.44 34.66 -27.50
CA LYS D 214 27.40 34.24 -28.52
C LYS D 214 26.76 33.37 -29.61
N PRO D 215 25.89 32.41 -29.29
CA PRO D 215 25.35 31.55 -30.37
C PRO D 215 24.77 32.33 -31.53
N SER D 216 24.30 33.55 -31.32
CA SER D 216 23.81 34.41 -32.39
C SER D 216 24.70 35.64 -32.59
N ASN D 217 25.85 35.69 -31.93
CA ASN D 217 26.75 36.84 -32.01
C ASN D 217 26.00 38.14 -31.79
N THR D 218 25.19 38.16 -30.73
CA THR D 218 24.32 39.30 -30.42
C THR D 218 24.87 40.01 -29.19
N LYS D 219 25.44 41.19 -29.40
CA LYS D 219 25.88 42.06 -28.30
C LYS D 219 25.02 43.31 -28.33
N VAL D 220 24.11 43.43 -27.35
CA VAL D 220 23.15 44.52 -27.31
C VAL D 220 23.42 45.37 -26.08
N ASP D 221 23.29 46.69 -26.24
CA ASP D 221 23.42 47.65 -25.15
C ASP D 221 22.10 48.39 -25.03
N LYS D 222 21.43 48.25 -23.89
CA LYS D 222 20.10 48.80 -23.69
C LYS D 222 20.07 49.76 -22.52
N LYS D 223 19.49 50.94 -22.73
CA LYS D 223 19.40 51.97 -21.70
C LYS D 223 18.11 51.80 -20.91
N VAL D 224 18.23 51.67 -19.59
CA VAL D 224 17.09 51.55 -18.69
C VAL D 224 16.90 52.90 -18.00
N GLU D 225 15.84 53.60 -18.36
CA GLU D 225 15.56 54.93 -17.85
C GLU D 225 14.08 55.03 -17.52
N PRO D 226 13.70 55.93 -16.61
CA PRO D 226 12.29 56.08 -16.21
C PRO D 226 11.44 56.75 -17.29
N ASN E 1 -9.14 4.62 -9.95
CA ASN E 1 -8.10 5.67 -10.14
C ASN E 1 -8.20 6.71 -9.03
N PHE E 2 -7.04 7.09 -8.48
CA PHE E 2 -7.01 8.00 -7.34
C PHE E 2 -5.75 8.84 -7.42
N MET E 3 -5.67 9.85 -6.55
CA MET E 3 -4.50 10.70 -6.43
C MET E 3 -3.91 10.54 -5.04
N LEU E 4 -2.64 10.91 -4.92
CA LEU E 4 -1.93 10.97 -3.65
C LEU E 4 -1.43 12.39 -3.49
N THR E 5 -2.01 13.12 -2.53
CA THR E 5 -1.66 14.50 -2.28
C THR E 5 -0.67 14.59 -1.13
N GLN E 6 0.33 15.45 -1.30
CA GLN E 6 1.46 15.56 -0.39
C GLN E 6 1.70 17.04 -0.12
N PRO E 7 2.08 17.42 1.10
CA PRO E 7 2.45 18.82 1.35
C PRO E 7 3.63 19.22 0.49
N HIS E 8 3.64 20.49 0.09
CA HIS E 8 4.71 20.97 -0.79
C HIS E 8 6.06 20.97 -0.08
N SER E 9 6.10 21.44 1.15
CA SER E 9 7.37 21.64 1.84
C SER E 9 7.20 21.37 3.32
N VAL E 10 8.28 20.86 3.92
CA VAL E 10 8.39 20.74 5.37
C VAL E 10 9.84 21.04 5.75
N SER E 11 10.03 21.55 6.96
CA SER E 11 11.36 21.93 7.41
C SER E 11 11.44 21.72 8.91
N GLU E 12 12.67 21.50 9.38
CA GLU E 12 12.91 21.32 10.81
C GLU E 12 14.41 21.32 11.05
N SER E 13 14.79 21.66 12.27
CA SER E 13 16.20 21.72 12.62
C SER E 13 16.75 20.32 12.88
N PRO E 14 18.07 20.15 12.78
CA PRO E 14 18.65 18.83 13.03
C PRO E 14 18.32 18.34 14.42
N GLY E 15 18.15 17.02 14.55
CA GLY E 15 17.86 16.40 15.81
C GLY E 15 16.39 16.24 16.13
N LYS E 16 15.53 17.04 15.51
CA LYS E 16 14.10 17.01 15.79
C LYS E 16 13.41 16.05 14.83
N THR E 17 12.07 15.98 14.94
CA THR E 17 11.28 15.01 14.20
C THR E 17 10.36 15.71 13.22
N VAL E 18 10.17 15.11 12.05
CA VAL E 18 9.26 15.62 11.03
C VAL E 18 8.32 14.52 10.58
N THR E 19 7.17 14.94 10.05
CA THR E 19 6.17 14.03 9.51
C THR E 19 5.70 14.54 8.16
N ILE E 20 5.62 13.63 7.19
CA ILE E 20 5.14 13.92 5.85
C ILE E 20 3.89 13.08 5.61
N SER E 21 2.81 13.71 5.21
CA SER E 21 1.54 13.03 5.02
C SER E 21 1.25 12.83 3.53
N CYS E 22 0.45 11.81 3.25
CA CYS E 22 0.18 11.36 1.89
C CYS E 22 -1.28 10.93 1.87
N THR E 23 -2.16 11.80 1.37
CA THR E 23 -3.60 11.57 1.44
C THR E 23 -4.10 11.02 0.12
N ARG E 24 -4.91 9.96 0.20
CA ARG E 24 -5.46 9.33 -0.99
C ARG E 24 -6.82 9.94 -1.31
N SER E 25 -7.03 10.28 -2.58
CA SER E 25 -8.20 11.07 -2.97
C SER E 25 -9.48 10.24 -2.95
N SER E 26 -9.39 8.97 -3.35
CA SER E 26 -10.55 8.09 -3.37
C SER E 26 -10.10 6.69 -2.99
N GLY E 27 -11.05 5.89 -2.53
CA GLY E 27 -10.74 4.55 -2.06
C GLY E 27 -9.99 4.61 -0.74
N SER E 28 -9.81 3.45 -0.10
CA SER E 28 -9.16 3.40 1.20
C SER E 28 -7.64 3.37 1.04
N ILE E 29 -6.96 4.22 1.82
CA ILE E 29 -5.50 4.20 1.85
C ILE E 29 -4.98 2.85 2.31
N ALA E 30 -5.78 2.08 3.05
CA ALA E 30 -5.35 0.80 3.58
C ALA E 30 -5.60 -0.38 2.64
N SER E 31 -6.16 -0.14 1.47
CA SER E 31 -6.45 -1.23 0.54
C SER E 31 -5.25 -1.60 -0.32
N ASP E 32 -4.21 -0.77 -0.36
CA ASP E 32 -3.03 -1.03 -1.17
C ASP E 32 -1.78 -0.61 -0.41
N TYR E 33 -0.71 -1.37 -0.61
CA TYR E 33 0.56 -1.06 0.05
C TYR E 33 1.04 0.34 -0.31
N VAL E 34 1.82 0.93 0.59
CA VAL E 34 2.36 2.27 0.41
C VAL E 34 3.86 2.21 0.59
N GLN E 35 4.58 2.81 -0.36
CA GLN E 35 6.03 2.93 -0.32
C GLN E 35 6.42 4.40 -0.20
N TRP E 36 7.58 4.65 0.40
CA TRP E 36 8.14 6.00 0.48
C TRP E 36 9.57 5.97 -0.04
N TYR E 37 9.85 6.88 -0.98
CA TYR E 37 11.16 7.05 -1.59
C TYR E 37 11.77 8.38 -1.19
N GLN E 38 13.09 8.37 -1.08
CA GLN E 38 13.90 9.55 -0.82
C GLN E 38 14.73 9.87 -2.06
N GLN E 39 14.88 11.16 -2.36
CA GLN E 39 15.71 11.60 -3.49
C GLN E 39 16.51 12.80 -3.03
N ARG E 40 17.80 12.61 -2.83
CA ARG E 40 18.69 13.72 -2.51
C ARG E 40 18.96 14.53 -3.77
N PRO E 41 19.40 15.78 -3.61
CA PRO E 41 19.68 16.62 -4.79
C PRO E 41 20.68 15.95 -5.73
N GLY E 42 20.35 15.99 -7.02
CA GLY E 42 21.25 15.46 -8.03
C GLY E 42 21.49 13.97 -7.95
N SER E 43 20.64 13.24 -7.22
CA SER E 43 20.83 11.82 -7.00
C SER E 43 19.57 11.07 -7.43
N SER E 44 19.72 9.77 -7.66
CA SER E 44 18.57 8.96 -7.98
C SER E 44 17.81 8.58 -6.71
N PRO E 45 16.52 8.33 -6.81
CA PRO E 45 15.75 7.98 -5.61
C PRO E 45 16.19 6.65 -5.01
N THR E 46 15.88 6.49 -3.72
CA THR E 46 15.99 5.21 -3.03
C THR E 46 14.75 4.99 -2.18
N THR E 47 14.44 3.72 -1.93
CA THR E 47 13.30 3.38 -1.08
C THR E 47 13.70 3.44 0.39
N VAL E 48 12.93 4.20 1.17
CA VAL E 48 13.17 4.27 2.61
C VAL E 48 12.11 3.45 3.34
N ILE E 49 10.92 3.32 2.75
CA ILE E 49 9.86 2.53 3.38
C ILE E 49 9.12 1.75 2.31
N TYR E 50 8.71 0.53 2.66
CA TYR E 50 7.86 -0.27 1.79
C TYR E 50 6.83 -1.01 2.64
N GLU E 51 5.72 -1.36 2.00
CA GLU E 51 4.60 -2.03 2.65
C GLU E 51 4.18 -1.30 3.93
N ASP E 52 3.96 0.02 3.78
CA ASP E 52 3.46 0.88 4.84
C ASP E 52 4.52 1.22 5.88
N ASN E 53 5.19 0.22 6.45
CA ASN E 53 6.07 0.47 7.58
C ASN E 53 7.36 -0.35 7.56
N GLN E 54 7.63 -1.10 6.50
CA GLN E 54 8.84 -1.91 6.45
C GLN E 54 10.02 -1.09 5.93
N ARG E 55 11.20 -1.35 6.50
CA ARG E 55 12.40 -0.63 6.15
C ARG E 55 13.36 -1.53 5.39
N PRO E 56 13.86 -1.11 4.23
CA PRO E 56 14.88 -1.90 3.56
C PRO E 56 16.14 -2.01 4.41
N SER E 57 16.84 -3.12 4.26
CA SER E 57 18.10 -3.31 4.96
C SER E 57 19.01 -2.11 4.70
N GLY E 58 19.62 -1.59 5.75
CA GLY E 58 20.49 -0.44 5.64
C GLY E 58 19.83 0.89 5.94
N VAL E 59 18.50 0.94 5.97
CA VAL E 59 17.77 2.16 6.27
C VAL E 59 17.60 2.24 7.78
N PRO E 60 18.09 3.30 8.44
CA PRO E 60 17.99 3.36 9.91
C PRO E 60 16.53 3.38 10.36
N ASP E 61 16.36 3.15 11.66
CA ASP E 61 15.03 3.15 12.26
C ASP E 61 14.47 4.55 12.45
N ARG E 62 15.28 5.60 12.27
CA ARG E 62 14.76 6.96 12.36
C ARG E 62 13.64 7.21 11.34
N PHE E 63 13.62 6.45 10.25
CA PHE E 63 12.52 6.47 9.30
C PHE E 63 11.46 5.47 9.73
N SER E 64 10.20 5.93 9.78
CA SER E 64 9.10 5.06 10.16
C SER E 64 7.87 5.40 9.32
N GLY E 65 7.07 4.39 9.02
CA GLY E 65 5.87 4.56 8.21
C GLY E 65 4.63 4.17 8.99
N SER E 66 3.52 4.85 8.68
CA SER E 66 2.28 4.58 9.38
C SER E 66 1.10 4.83 8.44
N ILE E 67 -0.06 4.31 8.83
CA ILE E 67 -1.29 4.43 8.06
C ILE E 67 -2.40 4.89 9.00
N ASP E 68 -3.10 5.95 8.61
CA ASP E 68 -4.28 6.44 9.33
C ASP E 68 -5.47 6.35 8.38
N SER E 69 -6.36 5.39 8.65
CA SER E 69 -7.51 5.17 7.77
C SER E 69 -8.59 6.24 7.97
N SER E 70 -8.68 6.82 9.17
CA SER E 70 -9.69 7.85 9.41
C SER E 70 -9.48 9.03 8.48
N SER E 71 -8.23 9.45 8.30
CA SER E 71 -7.89 10.54 7.38
C SER E 71 -7.57 10.03 5.98
N ASN E 72 -7.52 8.71 5.78
CA ASN E 72 -7.21 8.13 4.47
C ASN E 72 -5.81 8.53 4.02
N SER E 73 -4.86 8.49 4.95
CA SER E 73 -3.51 8.99 4.68
C SER E 73 -2.46 8.00 5.17
N ALA E 74 -1.29 8.11 4.57
CA ALA E 74 -0.07 7.47 5.03
C ALA E 74 0.89 8.53 5.53
N SER E 75 1.78 8.15 6.43
CA SER E 75 2.72 9.12 7.00
C SER E 75 4.11 8.53 7.07
N LEU E 76 5.09 9.38 6.76
CA LEU E 76 6.51 9.07 6.91
C LEU E 76 7.08 10.00 7.97
N THR E 77 7.59 9.42 9.06
CA THR E 77 8.14 10.17 10.17
C THR E 77 9.64 9.95 10.24
N ILE E 78 10.39 11.06 10.33
CA ILE E 78 11.85 11.03 10.40
C ILE E 78 12.24 11.65 11.73
N SER E 79 12.83 10.85 12.62
CA SER E 79 13.34 11.31 13.90
C SER E 79 14.84 11.58 13.80
N GLY E 80 15.35 12.30 14.80
CA GLY E 80 16.77 12.63 14.84
C GLY E 80 17.28 13.12 13.51
N LEU E 81 16.69 14.20 13.00
CA LEU E 81 17.01 14.68 11.65
C LEU E 81 18.49 14.99 11.52
N LYS E 82 19.10 14.45 10.48
CA LYS E 82 20.48 14.73 10.10
C LYS E 82 20.50 15.54 8.82
N THR E 83 21.61 16.23 8.58
CA THR E 83 21.73 17.06 7.39
C THR E 83 21.60 16.23 6.12
N GLU E 84 21.88 14.93 6.19
CA GLU E 84 21.75 14.05 5.03
C GLU E 84 20.31 13.71 4.70
N ASP E 85 19.36 14.05 5.58
CA ASP E 85 17.95 13.76 5.34
C ASP E 85 17.28 14.79 4.45
N GLU E 86 17.90 15.95 4.23
CA GLU E 86 17.35 16.95 3.33
C GLU E 86 17.20 16.36 1.93
N ALA E 87 15.98 16.36 1.41
CA ALA E 87 15.73 15.66 0.14
C ALA E 87 14.25 15.79 -0.20
N ASP E 88 13.90 15.34 -1.40
CA ASP E 88 12.51 15.24 -1.80
C ASP E 88 12.00 13.85 -1.47
N TYR E 89 10.83 13.77 -0.85
CA TYR E 89 10.24 12.50 -0.46
C TYR E 89 8.93 12.29 -1.20
N TYR E 90 8.73 11.05 -1.68
CA TYR E 90 7.58 10.70 -2.48
C TYR E 90 6.90 9.48 -1.88
N CYS E 91 5.58 9.54 -1.76
CA CYS E 91 4.81 8.35 -1.45
C CYS E 91 4.28 7.73 -2.75
N GLN E 92 3.99 6.44 -2.69
CA GLN E 92 3.61 5.70 -3.88
C GLN E 92 2.70 4.55 -3.47
N SER E 93 1.65 4.32 -4.25
CA SER E 93 0.75 3.20 -4.01
C SER E 93 0.34 2.62 -5.35
N TYR E 94 -0.59 1.67 -5.33
CA TYR E 94 -0.99 0.94 -6.53
C TYR E 94 -2.46 1.15 -6.84
N ASP E 95 -2.76 1.15 -8.13
CA ASP E 95 -4.12 1.13 -8.67
C ASP E 95 -4.28 -0.24 -9.33
N MET E 96 -5.06 -1.11 -8.69
CA MET E 96 -5.18 -2.50 -9.11
C MET E 96 -6.09 -2.67 -10.34
N THR E 97 -6.95 -1.70 -10.64
CA THR E 97 -7.79 -1.81 -11.82
C THR E 97 -6.95 -1.89 -13.09
N ASN E 98 -5.82 -1.17 -13.11
CA ASN E 98 -4.95 -1.15 -14.28
C ASN E 98 -3.49 -1.43 -13.93
N HIS E 99 -3.21 -1.85 -12.69
CA HIS E 99 -1.85 -2.17 -12.26
C HIS E 99 -0.92 -0.96 -12.34
N ASN E 100 -1.48 0.24 -12.20
CA ASN E 100 -0.69 1.46 -12.32
C ASN E 100 -0.05 1.80 -10.98
N TRP E 101 1.11 2.45 -11.04
CA TRP E 101 1.73 3.01 -9.85
C TRP E 101 1.35 4.48 -9.76
N VAL E 102 0.78 4.87 -8.63
CA VAL E 102 0.40 6.26 -8.39
C VAL E 102 1.44 6.86 -7.45
N PHE E 103 1.99 8.01 -7.83
CA PHE E 103 2.96 8.73 -7.02
C PHE E 103 2.34 9.99 -6.45
N GLY E 104 2.80 10.38 -5.27
CA GLY E 104 2.50 11.70 -4.75
C GLY E 104 3.33 12.77 -5.42
N GLY E 105 2.90 14.01 -5.24
CA GLY E 105 3.58 15.13 -5.89
C GLY E 105 4.96 15.41 -5.35
N GLY E 106 5.29 14.89 -4.18
CA GLY E 106 6.60 15.12 -3.60
C GLY E 106 6.57 16.20 -2.54
N THR E 107 7.40 16.03 -1.51
CA THR E 107 7.55 16.99 -0.43
C THR E 107 9.03 17.26 -0.22
N LYS E 108 9.43 18.53 -0.32
CA LYS E 108 10.82 18.89 -0.09
C LYS E 108 11.05 19.07 1.41
N LEU E 109 11.93 18.25 1.98
CA LEU E 109 12.32 18.36 3.37
C LEU E 109 13.66 19.07 3.44
N THR E 110 13.67 20.21 4.12
CA THR E 110 14.88 21.01 4.33
C THR E 110 15.34 20.83 5.77
N VAL E 111 16.61 20.53 5.94
CA VAL E 111 17.23 20.47 7.27
C VAL E 111 17.81 21.86 7.53
N LEU E 112 17.20 22.59 8.45
CA LEU E 112 17.54 23.99 8.67
C LEU E 112 19.00 24.16 9.02
N GLY E 113 19.77 24.76 8.11
CA GLY E 113 21.16 25.05 8.34
C GLY E 113 21.41 26.51 8.63
N GLN E 114 20.44 27.35 8.28
CA GLN E 114 20.51 28.78 8.51
C GLN E 114 19.12 29.28 8.89
N PRO E 115 19.03 30.45 9.52
CA PRO E 115 17.72 30.97 9.92
C PRO E 115 16.82 31.19 8.72
N LYS E 116 15.52 31.02 8.95
CA LYS E 116 14.55 31.22 7.88
C LYS E 116 14.59 32.66 7.40
N ALA E 117 14.33 32.83 6.09
CA ALA E 117 14.38 34.15 5.47
C ALA E 117 13.12 34.34 4.63
N ALA E 118 12.52 35.51 4.76
CA ALA E 118 11.34 35.84 3.98
C ALA E 118 11.74 36.32 2.59
N PRO E 119 10.90 36.05 1.57
CA PRO E 119 11.28 36.44 0.21
C PRO E 119 11.08 37.92 -0.07
N SER E 120 12.04 38.51 -0.77
CA SER E 120 11.92 39.83 -1.33
C SER E 120 11.32 39.71 -2.73
N VAL E 121 10.22 40.42 -2.96
CA VAL E 121 9.45 40.30 -4.20
C VAL E 121 9.48 41.63 -4.93
N THR E 122 9.63 41.57 -6.26
CA THR E 122 9.64 42.77 -7.10
C THR E 122 8.84 42.49 -8.35
N LEU E 123 7.84 43.32 -8.61
CA LEU E 123 6.92 43.13 -9.74
C LEU E 123 7.13 44.24 -10.75
N PHE E 124 7.66 43.89 -11.94
CA PHE E 124 7.86 44.83 -13.03
C PHE E 124 6.76 44.67 -14.07
N PRO E 125 6.17 45.77 -14.55
CA PRO E 125 5.15 45.67 -15.59
C PRO E 125 5.77 45.57 -16.97
N PRO E 126 4.97 45.49 -18.02
CA PRO E 126 5.53 45.49 -19.38
C PRO E 126 6.12 46.85 -19.70
N SER E 127 7.34 46.85 -20.24
CA SER E 127 8.00 48.09 -20.57
C SER E 127 7.41 48.68 -21.86
N SER E 128 7.73 49.95 -22.09
CA SER E 128 7.18 50.67 -23.25
C SER E 128 7.53 49.96 -24.55
N GLU E 129 8.81 49.63 -24.73
CA GLU E 129 9.24 49.01 -25.97
C GLU E 129 8.47 47.73 -26.26
N GLU E 130 8.26 46.90 -25.24
CA GLU E 130 7.50 45.67 -25.44
C GLU E 130 6.08 45.97 -25.89
N LEU E 131 5.46 47.00 -25.32
CA LEU E 131 4.12 47.40 -25.75
C LEU E 131 4.12 47.83 -27.21
N GLN E 132 5.17 48.55 -27.64
CA GLN E 132 5.28 48.91 -29.04
C GLN E 132 5.22 47.68 -29.94
N ALA E 133 5.93 46.61 -29.56
CA ALA E 133 6.01 45.40 -30.36
C ALA E 133 4.81 44.48 -30.18
N ASN E 134 3.79 44.91 -29.41
CA ASN E 134 2.53 44.17 -29.30
C ASN E 134 2.69 42.90 -28.46
N LYS E 135 3.27 43.06 -27.28
CA LYS E 135 3.40 41.95 -26.33
C LYS E 135 3.45 42.54 -24.92
N ALA E 136 3.09 41.71 -23.94
CA ALA E 136 3.07 42.14 -22.55
C ALA E 136 3.64 41.03 -21.68
N THR E 137 4.49 41.40 -20.73
CA THR E 137 5.11 40.44 -19.82
C THR E 137 5.28 41.06 -18.44
N LEU E 138 4.60 40.48 -17.45
CA LEU E 138 4.78 40.86 -16.05
C LEU E 138 5.86 39.99 -15.44
N VAL E 139 6.82 40.62 -14.76
CA VAL E 139 7.99 39.93 -14.23
C VAL E 139 7.98 40.02 -12.71
N CYS E 140 7.68 38.89 -12.05
CA CYS E 140 7.69 38.80 -10.59
C CYS E 140 8.95 38.08 -10.15
N LEU E 141 9.95 38.85 -9.72
CA LEU E 141 11.21 38.30 -9.23
C LEU E 141 11.13 38.09 -7.73
N ILE E 142 11.59 36.91 -7.27
CA ILE E 142 11.58 36.52 -5.87
C ILE E 142 13.01 36.15 -5.48
N SER E 143 13.48 36.66 -4.35
CA SER E 143 14.88 36.46 -4.01
C SER E 143 15.07 36.44 -2.49
N ASP E 144 16.18 35.81 -2.08
CA ASP E 144 16.65 35.86 -0.70
C ASP E 144 15.62 35.29 0.27
N PHE E 145 15.29 34.02 0.06
CA PHE E 145 14.40 33.29 0.96
C PHE E 145 14.99 31.92 1.27
N TYR E 146 14.63 31.41 2.45
CA TYR E 146 15.07 30.12 2.92
C TYR E 146 13.99 29.66 3.88
N PRO E 147 13.51 28.40 3.79
CA PRO E 147 13.89 27.36 2.82
C PRO E 147 13.51 27.69 1.38
N GLY E 148 14.07 26.93 0.43
CA GLY E 148 13.85 27.17 -0.98
C GLY E 148 12.55 26.58 -1.49
N ALA E 149 11.41 27.17 -1.11
CA ALA E 149 10.11 26.69 -1.58
C ALA E 149 9.12 27.83 -1.49
N VAL E 150 8.52 28.20 -2.64
CA VAL E 150 7.53 29.26 -2.70
C VAL E 150 6.42 28.85 -3.65
N THR E 151 5.29 29.54 -3.54
CA THR E 151 4.16 29.34 -4.44
C THR E 151 3.74 30.69 -5.01
N VAL E 152 3.70 30.79 -6.33
CA VAL E 152 3.36 32.05 -6.99
C VAL E 152 1.94 31.98 -7.52
N ALA E 153 1.18 33.05 -7.31
CA ALA E 153 -0.20 33.15 -7.78
C ALA E 153 -0.41 34.51 -8.41
N TRP E 154 -0.94 34.52 -9.63
CA TRP E 154 -1.19 35.74 -10.37
C TRP E 154 -2.67 36.12 -10.31
N LYS E 155 -2.93 37.41 -10.06
CA LYS E 155 -4.28 37.93 -9.95
C LYS E 155 -4.43 39.05 -10.98
N ALA E 156 -5.32 38.86 -11.93
CA ALA E 156 -5.70 39.93 -12.87
C ALA E 156 -6.75 40.77 -12.18
N ASP E 157 -6.39 42.01 -11.82
CA ASP E 157 -7.27 42.86 -11.03
C ASP E 157 -7.54 42.17 -9.70
N SER E 158 -8.72 41.59 -9.53
CA SER E 158 -9.05 40.83 -8.34
C SER E 158 -9.32 39.36 -8.62
N SER E 159 -9.42 38.95 -9.88
CA SER E 159 -9.76 37.58 -10.25
C SER E 159 -8.48 36.79 -10.53
N PRO E 160 -8.32 35.57 -10.03
CA PRO E 160 -7.09 34.83 -10.32
C PRO E 160 -6.95 34.54 -11.80
N VAL E 161 -5.70 34.35 -12.22
CA VAL E 161 -5.36 33.98 -13.59
C VAL E 161 -4.29 32.91 -13.54
N LYS E 162 -4.46 31.87 -14.35
CA LYS E 162 -3.54 30.75 -14.37
C LYS E 162 -2.96 30.46 -15.75
N ALA E 163 -3.33 31.24 -16.77
CA ALA E 163 -2.86 31.02 -18.13
C ALA E 163 -1.70 31.98 -18.43
N GLY E 164 -0.71 31.47 -19.15
CA GLY E 164 0.44 32.29 -19.51
C GLY E 164 1.42 32.55 -18.39
N VAL E 165 1.60 31.60 -17.48
CA VAL E 165 2.48 31.75 -16.32
C VAL E 165 3.66 30.78 -16.47
N GLU E 166 4.87 31.32 -16.35
CA GLU E 166 6.11 30.55 -16.45
C GLU E 166 6.94 30.84 -15.20
N THR E 167 7.07 29.84 -14.32
CA THR E 167 7.76 30.01 -13.05
C THR E 167 8.98 29.09 -12.98
N THR E 168 10.09 29.64 -12.51
CA THR E 168 11.32 28.87 -12.31
C THR E 168 11.18 27.95 -11.10
N THR E 169 12.06 26.96 -11.03
CA THR E 169 12.27 26.25 -9.77
C THR E 169 13.35 26.96 -8.97
N PRO E 170 13.14 27.20 -7.67
CA PRO E 170 14.15 27.92 -6.88
C PRO E 170 15.55 27.36 -7.06
N SER E 171 16.52 28.27 -7.13
CA SER E 171 17.93 27.92 -7.29
C SER E 171 18.74 28.53 -6.14
N LYS E 172 19.74 27.79 -5.68
CA LYS E 172 20.61 28.28 -4.61
C LYS E 172 21.37 29.53 -5.08
N GLN E 173 21.30 30.58 -4.27
CA GLN E 173 22.10 31.77 -4.50
C GLN E 173 23.52 31.55 -3.99
N SER E 174 24.38 32.53 -4.23
CA SER E 174 25.74 32.46 -3.69
C SER E 174 25.74 32.45 -2.17
N ASN E 175 24.75 33.08 -1.55
CA ASN E 175 24.65 33.19 -0.10
C ASN E 175 23.80 32.09 0.52
N ASN E 176 23.62 30.97 -0.19
CA ASN E 176 22.85 29.83 0.31
C ASN E 176 21.38 30.15 0.55
N LYS E 177 20.88 31.24 -0.01
CA LYS E 177 19.45 31.48 -0.09
C LYS E 177 18.98 31.22 -1.51
N TYR E 178 17.68 31.33 -1.73
CA TYR E 178 17.07 30.89 -2.98
C TYR E 178 16.43 32.06 -3.72
N ALA E 179 16.33 31.90 -5.04
CA ALA E 179 15.71 32.88 -5.90
C ALA E 179 14.90 32.17 -6.97
N ALA E 180 13.85 32.84 -7.44
CA ALA E 180 13.00 32.32 -8.49
C ALA E 180 12.40 33.50 -9.23
N SER E 181 11.72 33.20 -10.34
CA SER E 181 11.08 34.25 -11.12
C SER E 181 9.86 33.68 -11.80
N SER E 182 8.82 34.50 -11.89
CA SER E 182 7.58 34.13 -12.57
C SER E 182 7.29 35.18 -13.64
N TYR E 183 6.81 34.72 -14.78
CA TYR E 183 6.50 35.59 -15.91
C TYR E 183 5.05 35.35 -16.31
N LEU E 184 4.28 36.43 -16.43
CA LEU E 184 2.90 36.35 -16.89
C LEU E 184 2.83 37.03 -18.26
N SER E 185 2.58 36.22 -19.29
CA SER E 185 2.48 36.72 -20.66
C SER E 185 1.05 37.11 -20.97
N LEU E 186 0.87 38.29 -21.56
CA LEU E 186 -0.45 38.81 -21.86
C LEU E 186 -0.38 39.67 -23.12
N THR E 187 -1.56 39.90 -23.71
CA THR E 187 -1.67 40.82 -24.82
C THR E 187 -1.79 42.25 -24.31
N PRO E 188 -1.36 43.24 -25.09
CA PRO E 188 -1.52 44.64 -24.65
C PRO E 188 -2.94 44.98 -24.26
N GLU E 189 -3.94 44.38 -24.91
CA GLU E 189 -5.33 44.66 -24.55
C GLU E 189 -5.66 44.09 -23.18
N GLN E 190 -5.19 42.89 -22.87
CA GLN E 190 -5.39 42.33 -21.53
C GLN E 190 -4.71 43.20 -20.48
N TRP E 191 -3.55 43.74 -20.81
CA TRP E 191 -2.81 44.58 -19.86
C TRP E 191 -3.53 45.89 -19.60
N LYS E 192 -3.97 46.57 -20.65
CA LYS E 192 -4.63 47.86 -20.50
C LYS E 192 -6.08 47.74 -20.01
N SER E 193 -6.71 46.58 -20.21
CA SER E 193 -8.12 46.44 -19.86
C SER E 193 -8.32 46.53 -18.35
N HIS E 194 -7.64 45.67 -17.60
CA HIS E 194 -7.82 45.65 -16.16
C HIS E 194 -7.18 46.89 -15.52
N ARG E 195 -7.47 47.08 -14.25
CA ARG E 195 -6.92 48.20 -13.50
C ARG E 195 -5.56 47.88 -12.89
N SER E 196 -5.27 46.61 -12.63
CA SER E 196 -4.00 46.24 -12.04
C SER E 196 -3.85 44.73 -12.07
N TYR E 197 -2.60 44.28 -12.03
CA TYR E 197 -2.26 42.87 -11.86
C TYR E 197 -1.42 42.73 -10.60
N SER E 198 -1.42 41.53 -10.04
CA SER E 198 -0.76 41.31 -8.76
C SER E 198 -0.10 39.93 -8.73
N CYS E 199 1.08 39.89 -8.11
CA CYS E 199 1.82 38.66 -7.87
C CYS E 199 1.86 38.39 -6.37
N GLN E 200 1.41 37.19 -5.98
CA GLN E 200 1.38 36.78 -4.58
C GLN E 200 2.34 35.62 -4.40
N VAL E 201 3.31 35.79 -3.52
CA VAL E 201 4.32 34.77 -3.23
C VAL E 201 4.04 34.23 -1.82
N THR E 202 3.75 32.94 -1.74
CA THR E 202 3.51 32.27 -0.47
C THR E 202 4.76 31.50 -0.06
N HIS E 203 5.22 31.75 1.17
CA HIS E 203 6.43 31.15 1.70
C HIS E 203 6.23 30.94 3.19
N GLU E 204 6.33 29.69 3.64
CA GLU E 204 6.20 29.34 5.06
C GLU E 204 4.93 29.93 5.66
N GLY E 205 3.84 29.87 4.90
CA GLY E 205 2.56 30.34 5.38
C GLY E 205 2.37 31.83 5.35
N SER E 206 3.30 32.58 4.76
CA SER E 206 3.21 34.04 4.68
C SER E 206 3.09 34.44 3.22
N THR E 207 2.13 35.31 2.92
CA THR E 207 1.87 35.77 1.57
C THR E 207 2.36 37.22 1.40
N VAL E 208 3.16 37.44 0.36
CA VAL E 208 3.62 38.77 -0.01
C VAL E 208 2.98 39.12 -1.34
N GLU E 209 2.23 40.21 -1.38
CA GLU E 209 1.47 40.62 -2.55
C GLU E 209 2.05 41.92 -3.09
N LYS E 210 2.44 41.92 -4.37
CA LYS E 210 2.89 43.11 -5.06
C LYS E 210 1.99 43.38 -6.25
N THR E 211 1.75 44.65 -6.55
CA THR E 211 0.79 45.04 -7.56
C THR E 211 1.41 46.04 -8.54
N VAL E 212 0.94 45.99 -9.78
CA VAL E 212 1.33 46.92 -10.83
C VAL E 212 0.09 47.27 -11.64
N ALA E 213 0.20 48.29 -12.47
CA ALA E 213 -0.94 48.77 -13.26
C ALA E 213 -0.41 49.60 -14.41
N PRO E 214 -1.21 49.76 -15.49
CA PRO E 214 -0.83 50.56 -16.65
C PRO E 214 -0.38 51.98 -16.28
N ARG F 3 -2.00 -8.77 4.21
CA ARG F 3 -3.01 -9.84 4.18
C ARG F 3 -3.74 -9.81 2.84
N ASP F 4 -4.66 -8.87 2.68
CA ASP F 4 -5.26 -8.63 1.36
C ASP F 4 -4.26 -7.90 0.46
N LYS F 5 -3.50 -6.98 1.04
CA LYS F 5 -2.48 -6.27 0.27
C LYS F 5 -1.40 -7.24 -0.21
N LYS F 6 -1.13 -8.31 0.55
CA LYS F 6 -0.22 -9.33 0.07
C LYS F 6 -0.77 -10.01 -1.18
N GLN F 7 -2.07 -10.31 -1.18
CA GLN F 7 -2.66 -10.94 -2.37
C GLN F 7 -2.61 -10.00 -3.55
N LYS F 8 -2.83 -8.70 -3.32
CA LYS F 8 -2.72 -7.72 -4.40
C LYS F 8 -1.30 -7.62 -4.92
N ALA F 9 -0.32 -7.62 -4.02
CA ALA F 9 1.09 -7.59 -4.44
C ALA F 9 1.45 -8.83 -5.25
N TYR F 10 0.96 -9.99 -4.83
CA TYR F 10 1.17 -11.21 -5.62
C TYR F 10 0.56 -11.07 -7.00
N ALA F 11 -0.66 -10.52 -7.08
CA ALA F 11 -1.27 -10.28 -8.39
C ALA F 11 -0.43 -9.34 -9.24
N LEU F 12 0.23 -8.37 -8.60
CA LEU F 12 1.06 -7.43 -9.34
C LEU F 12 2.34 -8.07 -9.84
N PHE F 13 3.03 -8.84 -9.00
CA PHE F 13 4.43 -9.17 -9.22
C PHE F 13 4.77 -10.66 -9.25
N TYR F 14 3.92 -11.54 -8.72
CA TYR F 14 4.37 -12.90 -8.46
C TYR F 14 4.89 -13.59 -9.70
N ARG F 15 5.97 -14.34 -9.53
CA ARG F 15 6.53 -15.20 -10.56
C ARG F 15 6.98 -16.47 -9.85
N PRO F 16 6.67 -17.65 -10.39
CA PRO F 16 6.96 -18.89 -9.66
C PRO F 16 8.46 -19.21 -9.67
N ASP F 17 9.02 -19.40 -8.48
CA ASP F 17 10.42 -19.77 -8.32
C ASP F 17 10.72 -21.12 -8.99
#